data_7KQN
#
_entry.id   7KQN
#
_cell.length_a   71.860
_cell.length_b   164.040
_cell.length_c   95.360
_cell.angle_alpha   90.000
_cell.angle_beta   111.914
_cell.angle_gamma   90.000
#
_symmetry.space_group_name_H-M   'P 1 21 1'
#
loop_
_entity.id
_entity.type
_entity.pdbx_description
1 polymer 'Telomerase reverse transcriptase'
2 polymer "RNA (5'-R(*CP*AP*AP*AP*GP*AP*AP*AP*UP*CP*CP*AP*GP*GP*UP*GP*CP*A)-3')"
3 polymer "DNA (5'-D(*GP*CP*AP*CP*CP*TP*G)-3')"
4 polymer "DNA (5'-D(*TP*TP*CP*TP*TP*TP*G)-3')"
5 non-polymer 1,2-ETHANEDIOL
6 non-polymer '2-(N-MORPHOLINO)-ETHANESULFONIC ACID'
7 non-polymer DI(HYDROXYETHYL)ETHER
8 non-polymer 'CALCIUM ION'
9 non-polymer "2'-DEOXYGUANOSINE-5'-TRIPHOSPHATE"
10 water water
#
loop_
_entity_poly.entity_id
_entity_poly.type
_entity_poly.pdbx_seq_one_letter_code
_entity_poly.pdbx_strand_id
1 'polypeptide(L)'
;MVHYYRLSLKSRQKAPKIVNSKYNSILNIALKNFRLCKKHKTKKPVQILALLQEIIPKSYFGTTTNLKRFYKVVEKILTQ
SSFECIHLSVLHKCYDYDAIPWLQNVEPNLRPKLLLKHNLFLLDNIVKPIIAFYYKPIKTLNGHEIKFIRKEEYISFESK
VFHKLKKMKYLVEVQDEVKPRGVLNIIPKQDNFRAIVSIFPDSARKPFFKLLTSKIYKVLEEKYKTSGSLYTCWSEFTQK
TQGQIYGIKVDIRDAYGNVKIPVLCKLIQSIPTHLLDSEKKNFIVDHISNQFVAFRRKIYKWNHGLLQGDPLSGCLCELY
MAFMDRLYFSNLDKDAFIHRTVDDYFFCSPHPHKVYDFELLIKGVYQVNPTKTRTNLPTHRHPQDEIPYCGKIFNLTTRQ
VRTLYKLPPNYEIRHKFKLWNFNNQISDDNPARFLQKAMDFPFICNSFTKFEFNTVFNDQRTVFANFYDAMICVAYKFDA
AMMALRTSFLVNDFGFIWLVLSSTVRAYASRAFKKIVTYKGGKYRKVTFQCLKSIAWRAFLAVLKRRTEIYKGLIDRIKS
REKLTMKFHDGEVDASYFCKLPEKFRFVKINRKASI
;
A,D
2 'polyribonucleotide' CAAAGAAAUCCAGGUGCA B,E
3 'polydeoxyribonucleotide' (DG)(DC)(DA)(DC)(DC)(DT)(DG) C,F
4 'polydeoxyribonucleotide' (DT)(DT)(DC)(DT)(DT)(DT)(DG) I,J
#
# COMPACT_ATOMS: atom_id res chain seq x y z
N MET A 1 5.73 17.71 -10.58
CA MET A 1 5.00 16.42 -10.55
C MET A 1 5.83 15.37 -11.28
N VAL A 2 6.41 15.72 -12.43
CA VAL A 2 7.27 14.76 -13.18
C VAL A 2 8.72 14.94 -12.73
N HIS A 3 9.22 14.01 -11.92
CA HIS A 3 10.59 14.09 -11.44
C HIS A 3 11.54 13.18 -12.18
N TYR A 4 11.05 12.06 -12.71
CA TYR A 4 11.90 10.99 -13.22
C TYR A 4 12.01 11.03 -14.75
N TYR A 5 13.15 10.59 -15.25
CA TYR A 5 13.33 10.20 -16.64
C TYR A 5 13.51 8.68 -16.66
N ARG A 6 12.69 7.98 -17.46
CA ARG A 6 12.82 6.53 -17.54
C ARG A 6 14.05 6.14 -18.34
N LEU A 7 14.77 5.11 -17.89
CA LEU A 7 15.91 4.65 -18.68
C LEU A 7 15.52 3.73 -19.82
N SER A 8 14.29 3.20 -19.82
CA SER A 8 13.91 2.18 -20.80
C SER A 8 13.89 2.74 -22.22
N LEU A 9 14.21 1.86 -23.17
CA LEU A 9 14.22 2.25 -24.59
C LEU A 9 12.83 2.57 -25.15
N LYS A 10 11.76 2.11 -24.50
CA LYS A 10 10.43 2.33 -25.07
C LYS A 10 10.13 3.82 -25.24
N SER A 11 10.75 4.67 -24.45
N SER A 11 10.76 4.67 -24.43
CA SER A 11 10.49 6.09 -24.49
CA SER A 11 10.51 6.11 -24.49
C SER A 11 11.16 6.80 -25.67
C SER A 11 10.99 6.75 -25.78
N ARG A 12 11.86 6.08 -26.54
CA ARG A 12 12.55 6.70 -27.68
C ARG A 12 11.55 7.23 -28.72
N GLN A 13 12.07 8.06 -29.63
CA GLN A 13 11.26 8.75 -30.63
C GLN A 13 11.95 8.76 -31.99
N LYS A 14 11.14 8.93 -33.03
CA LYS A 14 11.63 9.09 -34.39
C LYS A 14 12.19 10.50 -34.56
N ALA A 15 13.47 10.60 -34.91
CA ALA A 15 14.13 11.88 -35.06
C ALA A 15 13.74 12.56 -36.37
N PRO A 16 13.62 13.89 -36.36
CA PRO A 16 13.41 14.61 -37.62
C PRO A 16 14.73 14.86 -38.34
N LYS A 17 14.61 15.37 -39.57
CA LYS A 17 15.80 15.80 -40.31
C LYS A 17 16.45 17.00 -39.63
N ILE A 18 15.65 18.00 -39.25
CA ILE A 18 16.11 19.19 -38.55
C ILE A 18 15.16 19.49 -37.40
N VAL A 19 15.60 20.39 -36.53
CA VAL A 19 14.78 20.86 -35.43
C VAL A 19 14.17 22.21 -35.81
N ASN A 20 13.19 22.65 -35.03
CA ASN A 20 12.53 23.93 -35.32
C ASN A 20 13.41 25.08 -34.84
N SER A 21 12.87 26.31 -34.91
CA SER A 21 13.64 27.50 -34.57
C SER A 21 14.02 27.54 -33.09
N LYS A 22 13.12 27.11 -32.20
CA LYS A 22 13.38 27.22 -30.76
C LYS A 22 14.40 26.21 -30.25
N TYR A 23 14.73 25.17 -31.04
CA TYR A 23 15.86 24.31 -30.77
C TYR A 23 17.10 24.86 -31.48
N ASN A 24 18.27 24.72 -30.85
CA ASN A 24 19.48 25.30 -31.42
C ASN A 24 20.01 24.41 -32.55
N SER A 25 20.62 25.05 -33.56
CA SER A 25 21.10 24.39 -34.77
C SER A 25 22.20 23.37 -34.51
N ILE A 26 22.82 23.37 -33.33
CA ILE A 26 23.91 22.45 -33.04
C ILE A 26 23.41 21.01 -33.12
N LEU A 27 22.12 20.79 -32.85
CA LEU A 27 21.56 19.45 -32.95
C LEU A 27 21.56 18.93 -34.38
N ASN A 28 21.51 19.83 -35.36
CA ASN A 28 21.50 19.41 -36.75
C ASN A 28 22.78 18.65 -37.12
N ILE A 29 23.90 19.00 -36.47
CA ILE A 29 25.14 18.27 -36.72
C ILE A 29 25.02 16.84 -36.21
N ALA A 30 24.51 16.67 -34.98
CA ALA A 30 24.35 15.32 -34.42
C ALA A 30 23.33 14.52 -35.21
N LEU A 31 22.23 15.15 -35.61
CA LEU A 31 21.27 14.46 -36.48
C LEU A 31 21.91 14.03 -37.78
N LYS A 32 22.68 14.92 -38.40
CA LYS A 32 23.35 14.55 -39.63
C LYS A 32 24.31 13.39 -39.39
N ASN A 33 25.13 13.47 -38.33
CA ASN A 33 26.05 12.37 -38.06
C ASN A 33 25.31 11.10 -37.67
N PHE A 34 24.12 11.24 -37.07
CA PHE A 34 23.35 10.07 -36.65
C PHE A 34 22.92 9.24 -37.86
N ARG A 35 22.37 9.88 -38.88
CA ARG A 35 21.99 9.16 -40.09
C ARG A 35 23.22 8.55 -40.76
N LEU A 36 24.30 9.33 -40.84
CA LEU A 36 25.56 8.86 -41.42
C LEU A 36 26.14 7.68 -40.63
N CYS A 37 25.88 7.65 -39.32
CA CYS A 37 26.40 6.57 -38.48
C CYS A 37 25.75 5.24 -38.81
N LYS A 38 24.46 5.25 -39.16
CA LYS A 38 23.77 4.01 -39.49
C LYS A 38 24.19 3.46 -40.85
N LYS A 39 24.56 4.36 -41.78
CA LYS A 39 24.95 3.94 -43.14
C LYS A 39 26.24 3.13 -43.06
N HIS A 40 26.92 3.20 -41.91
CA HIS A 40 28.21 2.49 -41.71
C HIS A 40 27.98 1.25 -40.84
N LYS A 41 26.73 0.81 -40.69
CA LYS A 41 26.45 -0.32 -39.77
C LYS A 41 27.31 -1.52 -40.17
N THR A 42 27.92 -2.18 -39.20
CA THR A 42 28.71 -3.40 -39.51
C THR A 42 28.26 -4.53 -38.58
N LYS A 43 28.31 -5.77 -39.06
CA LYS A 43 28.01 -6.93 -38.17
C LYS A 43 29.06 -6.88 -37.08
N LYS A 44 30.29 -6.49 -37.44
CA LYS A 44 31.40 -6.35 -36.46
C LYS A 44 30.91 -5.64 -35.19
N PRO A 45 31.34 -6.02 -33.96
CA PRO A 45 30.81 -5.41 -32.73
C PRO A 45 31.09 -3.91 -32.63
N VAL A 46 30.18 -3.22 -31.98
CA VAL A 46 30.26 -1.77 -31.81
C VAL A 46 30.24 -1.43 -30.33
N GLN A 47 30.86 -0.30 -30.00
CA GLN A 47 30.78 0.29 -28.66
C GLN A 47 29.91 1.55 -28.77
N ILE A 48 28.81 1.57 -28.03
CA ILE A 48 27.84 2.65 -28.22
C ILE A 48 28.48 3.99 -27.87
N LEU A 49 29.18 4.05 -26.74
CA LEU A 49 29.73 5.33 -26.28
C LEU A 49 30.75 5.87 -27.27
N ALA A 50 31.53 4.99 -27.88
CA ALA A 50 32.44 5.42 -28.92
C ALA A 50 31.65 6.00 -30.09
N LEU A 51 30.53 5.35 -30.44
CA LEU A 51 29.72 5.84 -31.55
C LEU A 51 29.15 7.22 -31.27
N LEU A 52 28.57 7.43 -30.09
CA LEU A 52 28.06 8.76 -29.74
C LEU A 52 29.14 9.82 -29.87
N GLN A 53 30.38 9.47 -29.53
CA GLN A 53 31.46 10.45 -29.64
C GLN A 53 31.73 10.83 -31.09
N GLU A 54 31.46 9.94 -32.04
CA GLU A 54 31.49 10.34 -33.46
C GLU A 54 30.23 11.08 -33.87
N ILE A 55 29.16 10.99 -33.10
CA ILE A 55 27.90 11.61 -33.47
C ILE A 55 27.75 13.01 -32.87
N ILE A 56 27.97 13.15 -31.56
CA ILE A 56 27.67 14.38 -30.85
C ILE A 56 28.97 15.18 -30.74
N PRO A 57 29.08 16.35 -31.37
CA PRO A 57 30.35 17.08 -31.33
C PRO A 57 30.69 17.55 -29.93
N LYS A 58 32.00 17.62 -29.66
CA LYS A 58 32.48 18.15 -28.39
C LYS A 58 31.92 19.54 -28.13
N SER A 59 31.80 20.35 -29.18
CA SER A 59 31.35 21.73 -29.05
C SER A 59 29.94 21.82 -28.48
N TYR A 60 29.16 20.74 -28.52
CA TYR A 60 27.88 20.73 -27.83
C TYR A 60 28.06 20.80 -26.32
N PHE A 61 29.13 20.18 -25.80
CA PHE A 61 29.33 20.06 -24.37
C PHE A 61 30.20 21.16 -23.78
N GLY A 62 31.08 21.78 -24.56
CA GLY A 62 31.83 22.88 -23.99
C GLY A 62 33.08 22.44 -23.25
N THR A 63 32.94 21.81 -22.08
CA THR A 63 34.09 21.27 -21.37
C THR A 63 34.05 19.77 -21.53
N THR A 64 35.21 19.13 -21.43
CA THR A 64 35.17 17.68 -21.53
C THR A 64 34.52 17.08 -20.29
N THR A 65 34.62 17.76 -19.14
CA THR A 65 33.95 17.25 -17.93
C THR A 65 32.43 17.42 -18.01
N ASN A 66 31.95 18.43 -18.73
CA ASN A 66 30.52 18.53 -18.97
C ASN A 66 30.03 17.38 -19.85
N LEU A 67 30.87 16.93 -20.78
CA LEU A 67 30.52 15.76 -21.57
C LEU A 67 30.32 14.55 -20.66
N LYS A 68 31.16 14.44 -19.61
CA LYS A 68 31.10 13.28 -18.73
C LYS A 68 29.76 13.19 -18.00
N ARG A 69 29.22 14.32 -17.53
CA ARG A 69 27.90 14.31 -16.92
C ARG A 69 26.86 13.66 -17.83
N PHE A 70 26.87 14.02 -19.12
CA PHE A 70 25.88 13.47 -20.04
C PHE A 70 26.12 11.98 -20.24
N TYR A 71 27.37 11.59 -20.50
CA TYR A 71 27.67 10.21 -20.86
C TYR A 71 27.51 9.24 -19.68
N LYS A 72 27.65 9.73 -18.45
CA LYS A 72 27.34 8.90 -17.29
C LYS A 72 25.88 8.48 -17.33
N VAL A 73 25.00 9.37 -17.78
CA VAL A 73 23.59 9.00 -17.95
C VAL A 73 23.44 7.94 -19.03
N VAL A 74 24.13 8.09 -20.16
CA VAL A 74 24.05 7.08 -21.20
C VAL A 74 24.53 5.74 -20.66
N GLU A 75 25.63 5.75 -19.89
CA GLU A 75 26.16 4.51 -19.34
C GLU A 75 25.14 3.83 -18.43
N LYS A 76 24.34 4.60 -17.69
CA LYS A 76 23.26 4.03 -16.91
C LYS A 76 22.20 3.39 -17.82
N ILE A 77 21.88 4.03 -18.95
CA ILE A 77 20.95 3.43 -19.91
C ILE A 77 21.51 2.10 -20.42
N LEU A 78 22.81 2.06 -20.73
CA LEU A 78 23.45 0.85 -21.25
C LEU A 78 23.51 -0.27 -20.22
N THR A 79 23.27 0.02 -18.94
CA THR A 79 23.37 -0.97 -17.90
C THR A 79 22.10 -1.03 -17.05
N GLN A 80 20.97 -0.59 -17.60
CA GLN A 80 19.78 -0.38 -16.80
C GLN A 80 19.18 -1.70 -16.31
N SER A 81 18.42 -1.61 -15.23
CA SER A 81 17.50 -2.62 -14.77
C SER A 81 16.08 -2.27 -15.22
N SER A 82 15.21 -3.29 -15.22
CA SER A 82 13.80 -3.04 -15.45
C SER A 82 13.28 -2.03 -14.44
N PHE A 83 12.51 -1.07 -14.93
CA PHE A 83 11.85 0.01 -14.18
C PHE A 83 12.80 1.09 -13.69
N GLU A 84 14.10 1.03 -14.00
CA GLU A 84 15.04 2.01 -13.46
C GLU A 84 14.83 3.38 -14.10
N CYS A 85 14.93 4.43 -13.28
CA CYS A 85 14.82 5.82 -13.70
C CYS A 85 16.00 6.60 -13.15
N ILE A 86 16.12 7.85 -13.61
CA ILE A 86 16.98 8.85 -13.00
C ILE A 86 16.18 10.12 -12.82
N HIS A 87 16.70 11.03 -11.99
CA HIS A 87 16.05 12.33 -11.85
C HIS A 87 16.29 13.16 -13.10
N LEU A 88 15.26 13.87 -13.54
CA LEU A 88 15.42 14.78 -14.67
C LEU A 88 16.46 15.85 -14.37
N SER A 89 16.56 16.27 -13.10
CA SER A 89 17.48 17.36 -12.75
C SER A 89 18.94 16.99 -13.00
N VAL A 90 19.25 15.70 -13.06
CA VAL A 90 20.58 15.24 -13.43
C VAL A 90 20.97 15.73 -14.81
N LEU A 91 19.97 16.01 -15.67
CA LEU A 91 20.24 16.49 -17.01
C LEU A 91 20.58 17.98 -17.07
N HIS A 92 20.47 18.74 -15.96
CA HIS A 92 20.89 20.14 -16.00
C HIS A 92 21.64 20.63 -14.78
N LYS A 93 21.60 19.96 -13.63
CA LYS A 93 22.25 20.49 -12.43
C LYS A 93 23.77 20.30 -12.47
N CYS A 94 24.47 21.29 -11.93
CA CYS A 94 25.93 21.29 -11.75
C CYS A 94 26.70 21.28 -13.06
N TYR A 95 26.03 21.55 -14.18
CA TYR A 95 26.75 21.76 -15.43
C TYR A 95 27.47 23.11 -15.39
N ASP A 96 28.58 23.19 -16.12
CA ASP A 96 29.34 24.44 -16.27
C ASP A 96 28.66 25.27 -17.35
N TYR A 97 27.71 26.10 -16.94
CA TYR A 97 26.90 26.82 -17.92
C TYR A 97 27.71 27.90 -18.63
N ASP A 98 28.73 28.44 -17.98
CA ASP A 98 29.51 29.50 -18.62
C ASP A 98 30.27 28.99 -19.84
N ALA A 99 30.51 27.69 -19.93
CA ALA A 99 31.39 27.12 -20.95
C ALA A 99 30.66 26.45 -22.10
N ILE A 100 29.33 26.45 -22.10
CA ILE A 100 28.54 25.84 -23.17
C ILE A 100 28.43 26.85 -24.30
N PRO A 101 29.13 26.67 -25.43
CA PRO A 101 29.22 27.78 -26.40
C PRO A 101 27.89 28.23 -26.98
N TRP A 102 26.95 27.31 -27.21
CA TRP A 102 25.71 27.69 -27.86
C TRP A 102 24.69 28.32 -26.91
N LEU A 103 24.97 28.40 -25.61
CA LEU A 103 24.14 29.13 -24.67
C LEU A 103 24.62 30.54 -24.35
N GLN A 104 25.72 31.01 -24.97
CA GLN A 104 26.28 32.28 -24.55
C GLN A 104 25.41 33.47 -24.91
N ASN A 105 24.40 33.28 -25.76
CA ASN A 105 23.47 34.37 -26.09
C ASN A 105 22.22 34.37 -25.22
N VAL A 106 21.95 33.26 -24.52
CA VAL A 106 20.79 33.16 -23.65
C VAL A 106 21.09 33.82 -22.30
N GLU A 107 20.04 34.38 -21.69
CA GLU A 107 20.19 35.04 -20.40
C GLU A 107 20.52 34.01 -19.33
N PRO A 108 21.24 34.42 -18.26
CA PRO A 108 21.56 33.46 -17.19
C PRO A 108 20.34 32.84 -16.55
N ASN A 109 19.19 33.51 -16.62
CA ASN A 109 17.96 32.97 -16.08
C ASN A 109 17.54 31.69 -16.79
N LEU A 110 17.74 31.63 -18.10
CA LEU A 110 17.00 30.67 -18.91
C LEU A 110 17.83 29.45 -19.27
N ARG A 111 19.11 29.44 -18.89
CA ARG A 111 20.03 28.42 -19.37
C ARG A 111 19.67 27.00 -18.93
N PRO A 112 19.38 26.72 -17.66
CA PRO A 112 19.14 25.32 -17.28
C PRO A 112 17.98 24.68 -18.01
N LYS A 113 16.90 25.45 -18.19
CA LYS A 113 15.71 24.96 -18.92
C LYS A 113 16.14 24.49 -20.31
N LEU A 114 16.84 25.34 -21.05
CA LEU A 114 17.20 24.99 -22.42
C LEU A 114 18.09 23.76 -22.48
N LEU A 115 19.03 23.63 -21.55
CA LEU A 115 19.93 22.47 -21.60
C LEU A 115 19.17 21.17 -21.37
N LEU A 116 18.20 21.19 -20.45
CA LEU A 116 17.35 20.02 -20.21
C LEU A 116 16.66 19.57 -21.50
N LYS A 117 16.09 20.54 -22.25
CA LYS A 117 15.36 20.23 -23.49
C LYS A 117 16.25 19.61 -24.54
N HIS A 118 17.45 20.16 -24.73
CA HIS A 118 18.34 19.62 -25.75
C HIS A 118 18.90 18.26 -25.36
N ASN A 119 19.27 18.11 -24.08
CA ASN A 119 19.74 16.82 -23.59
C ASN A 119 18.66 15.77 -23.73
N LEU A 120 17.41 16.12 -23.39
CA LEU A 120 16.29 15.21 -23.59
C LEU A 120 16.14 14.87 -25.06
N PHE A 121 16.29 15.87 -25.94
CA PHE A 121 16.20 15.59 -27.36
C PHE A 121 17.29 14.61 -27.79
N LEU A 122 18.52 14.82 -27.34
CA LEU A 122 19.60 13.91 -27.72
C LEU A 122 19.32 12.50 -27.23
N LEU A 123 18.87 12.37 -25.99
CA LEU A 123 18.63 11.05 -25.42
C LEU A 123 17.47 10.34 -26.10
N ASP A 124 16.37 11.06 -26.32
CA ASP A 124 15.16 10.43 -26.86
C ASP A 124 15.22 10.24 -28.37
N ASN A 125 15.97 11.08 -29.08
CA ASN A 125 16.00 11.03 -30.53
C ASN A 125 17.28 10.45 -31.12
N ILE A 126 18.34 10.32 -30.34
CA ILE A 126 19.60 9.81 -30.87
C ILE A 126 20.11 8.65 -30.02
N VAL A 127 20.26 8.88 -28.70
CA VAL A 127 20.92 7.89 -27.85
C VAL A 127 20.12 6.59 -27.81
N LYS A 128 18.90 6.65 -27.29
CA LYS A 128 18.08 5.43 -27.21
C LYS A 128 17.83 4.82 -28.58
N PRO A 129 17.49 5.58 -29.64
CA PRO A 129 17.36 4.95 -30.96
C PRO A 129 18.60 4.22 -31.44
N ILE A 130 19.80 4.76 -31.20
CA ILE A 130 21.00 4.07 -31.71
C ILE A 130 21.27 2.80 -30.90
N ILE A 131 20.93 2.78 -29.61
CA ILE A 131 21.01 1.54 -28.86
C ILE A 131 20.02 0.52 -29.42
N ALA A 132 18.76 0.96 -29.61
CA ALA A 132 17.73 0.05 -30.09
C ALA A 132 18.00 -0.38 -31.53
N PHE A 133 18.71 0.45 -32.29
CA PHE A 133 19.07 0.07 -33.66
C PHE A 133 19.98 -1.15 -33.66
N TYR A 134 20.88 -1.24 -32.68
CA TYR A 134 21.87 -2.31 -32.67
C TYR A 134 21.48 -3.48 -31.79
N TYR A 135 20.75 -3.22 -30.71
CA TYR A 135 20.57 -4.19 -29.64
C TYR A 135 19.08 -4.37 -29.32
N LYS A 136 18.78 -5.54 -28.78
CA LYS A 136 17.49 -5.87 -28.22
C LYS A 136 17.62 -6.07 -26.72
N PRO A 137 16.83 -5.37 -25.91
CA PRO A 137 16.89 -5.62 -24.46
C PRO A 137 16.16 -6.92 -24.17
N ILE A 138 16.84 -7.80 -23.46
CA ILE A 138 16.31 -9.11 -23.08
C ILE A 138 16.17 -9.05 -21.58
N LYS A 139 14.98 -9.33 -21.11
CA LYS A 139 14.69 -9.36 -19.69
C LYS A 139 15.02 -10.78 -19.25
N THR A 140 16.01 -10.94 -18.35
CA THR A 140 16.59 -12.27 -18.09
C THR A 140 15.85 -13.07 -17.05
N LEU A 141 14.93 -12.47 -16.31
CA LEU A 141 14.04 -13.14 -15.37
C LEU A 141 14.80 -13.48 -14.08
N ASN A 142 16.05 -13.06 -13.95
CA ASN A 142 16.76 -13.04 -12.69
C ASN A 142 16.64 -11.64 -12.09
N GLY A 143 15.65 -11.46 -11.20
CA GLY A 143 15.36 -10.12 -10.71
C GLY A 143 14.94 -9.23 -11.86
N HIS A 144 15.41 -7.98 -11.82
CA HIS A 144 15.08 -6.98 -12.83
C HIS A 144 16.20 -6.81 -13.87
N GLU A 145 17.10 -7.79 -13.96
CA GLU A 145 18.23 -7.71 -14.88
C GLU A 145 17.79 -7.61 -16.34
N ILE A 146 18.49 -6.77 -17.09
CA ILE A 146 18.33 -6.67 -18.53
C ILE A 146 19.69 -6.93 -19.17
N LYS A 147 19.71 -7.78 -20.20
CA LYS A 147 20.89 -8.00 -21.02
C LYS A 147 20.60 -7.51 -22.42
N PHE A 148 21.54 -6.75 -22.98
CA PHE A 148 21.42 -6.26 -24.34
C PHE A 148 22.08 -7.25 -25.30
N ILE A 149 21.32 -7.68 -26.29
CA ILE A 149 21.76 -8.69 -27.25
C ILE A 149 21.76 -8.03 -28.62
N ARG A 150 22.83 -8.27 -29.37
CA ARG A 150 22.83 -7.83 -30.76
C ARG A 150 21.62 -8.41 -31.48
N LYS A 151 20.96 -7.59 -32.29
CA LYS A 151 19.71 -8.01 -32.92
C LYS A 151 19.92 -9.24 -33.80
N GLU A 152 21.02 -9.27 -34.57
CA GLU A 152 21.32 -10.45 -35.37
C GLU A 152 21.39 -11.71 -34.52
N GLU A 153 22.06 -11.63 -33.37
CA GLU A 153 22.20 -12.78 -32.47
C GLU A 153 20.85 -13.18 -31.89
N TYR A 154 20.01 -12.20 -31.54
CA TYR A 154 18.70 -12.53 -31.01
C TYR A 154 17.81 -13.18 -32.06
N ILE A 155 17.80 -12.65 -33.28
CA ILE A 155 16.94 -13.21 -34.32
C ILE A 155 17.38 -14.62 -34.66
N SER A 156 18.69 -14.85 -34.68
CA SER A 156 19.22 -16.18 -34.98
C SER A 156 18.82 -17.19 -33.91
N PHE A 157 18.96 -16.83 -32.64
CA PHE A 157 18.51 -17.70 -31.55
C PHE A 157 17.02 -17.98 -31.68
N GLU A 158 16.22 -16.94 -31.89
CA GLU A 158 14.77 -17.11 -31.96
C GLU A 158 14.38 -17.97 -33.15
N SER A 159 15.08 -17.83 -34.28
CA SER A 159 14.78 -18.66 -35.44
C SER A 159 15.15 -20.12 -35.21
N LYS A 160 16.27 -20.41 -34.51
CA LYS A 160 16.54 -21.81 -34.20
C LYS A 160 15.37 -22.44 -33.46
N VAL A 161 14.88 -21.77 -32.41
CA VAL A 161 13.84 -22.34 -31.56
C VAL A 161 12.56 -22.52 -32.35
N PHE A 162 12.18 -21.51 -33.12
CA PHE A 162 10.93 -21.58 -33.86
C PHE A 162 10.92 -22.77 -34.82
N HIS A 163 12.07 -23.00 -35.49
CA HIS A 163 12.21 -24.13 -36.41
C HIS A 163 12.10 -25.48 -35.69
N LYS A 164 12.66 -25.63 -34.49
CA LYS A 164 12.51 -26.81 -33.61
C LYS A 164 11.03 -27.13 -33.40
N LEU A 165 10.31 -26.08 -32.94
CA LEU A 165 8.89 -26.18 -32.56
C LEU A 165 8.03 -26.62 -33.76
N LYS A 166 8.35 -26.10 -34.96
CA LYS A 166 7.63 -26.57 -36.14
C LYS A 166 8.03 -28.00 -36.48
N LYS A 167 9.32 -28.32 -36.36
CA LYS A 167 9.81 -29.65 -36.69
C LYS A 167 9.22 -30.69 -35.74
N MET A 168 9.14 -30.37 -34.45
CA MET A 168 8.52 -31.28 -33.48
C MET A 168 7.01 -31.31 -33.61
N LYS A 169 6.43 -30.45 -34.45
CA LYS A 169 4.99 -30.27 -34.56
C LYS A 169 4.36 -29.73 -33.27
N TYR A 170 5.11 -28.97 -32.48
CA TYR A 170 4.49 -28.29 -31.34
C TYR A 170 3.73 -27.06 -31.79
N LEU A 171 4.14 -26.49 -32.91
CA LEU A 171 3.59 -25.26 -33.48
C LEU A 171 3.16 -25.60 -34.89
N VAL A 172 1.89 -25.42 -35.21
CA VAL A 172 1.36 -25.76 -36.54
C VAL A 172 0.60 -24.56 -37.09
N GLU A 173 1.04 -24.08 -38.24
CA GLU A 173 0.41 -22.92 -38.87
C GLU A 173 -1.03 -23.21 -39.26
N VAL A 174 -1.92 -22.27 -38.95
CA VAL A 174 -3.32 -22.34 -39.37
C VAL A 174 -3.60 -21.15 -40.28
N GLN A 175 -4.82 -21.05 -40.80
CA GLN A 175 -5.18 -19.91 -41.63
C GLN A 175 -5.05 -18.62 -40.82
N ASP A 176 -4.65 -17.54 -41.50
CA ASP A 176 -4.32 -16.32 -40.78
C ASP A 176 -5.56 -15.58 -40.26
N GLU A 177 -6.77 -16.02 -40.62
CA GLU A 177 -7.99 -15.42 -40.10
C GLU A 177 -8.49 -16.05 -38.80
N VAL A 178 -7.86 -17.14 -38.32
CA VAL A 178 -8.16 -17.65 -36.99
C VAL A 178 -7.68 -16.65 -35.94
N LYS A 179 -8.51 -16.39 -34.93
CA LYS A 179 -8.19 -15.38 -33.92
C LYS A 179 -7.25 -15.92 -32.83
N PRO A 180 -6.10 -15.29 -32.59
CA PRO A 180 -5.19 -15.77 -31.54
C PRO A 180 -5.49 -15.14 -30.19
N ARG A 181 -5.12 -15.86 -29.13
CA ARG A 181 -5.34 -15.34 -27.79
C ARG A 181 -4.17 -14.51 -27.27
N GLY A 182 -3.04 -14.52 -27.97
CA GLY A 182 -1.90 -13.75 -27.53
C GLY A 182 -0.76 -13.95 -28.51
N VAL A 183 0.40 -13.43 -28.14
CA VAL A 183 1.57 -13.44 -28.99
C VAL A 183 2.58 -14.40 -28.42
N LEU A 184 3.12 -15.28 -29.27
CA LEU A 184 4.17 -16.19 -28.82
C LEU A 184 5.47 -15.41 -28.64
N ASN A 185 6.10 -15.58 -27.47
CA ASN A 185 7.40 -15.02 -27.16
C ASN A 185 8.33 -16.16 -26.76
N ILE A 186 9.51 -16.19 -27.37
CA ILE A 186 10.57 -17.14 -27.00
C ILE A 186 11.59 -16.39 -26.16
N ILE A 187 11.61 -16.69 -24.86
CA ILE A 187 12.54 -15.98 -23.91
C ILE A 187 13.76 -16.86 -23.67
N PRO A 188 15.01 -16.34 -23.75
CA PRO A 188 16.19 -17.14 -23.43
C PRO A 188 16.16 -17.61 -21.97
N LYS A 189 16.52 -18.87 -21.73
CA LYS A 189 16.48 -19.44 -20.34
C LYS A 189 17.75 -20.25 -20.05
N GLN A 190 18.87 -19.60 -19.73
CA GLN A 190 20.10 -20.36 -19.31
C GLN A 190 20.51 -21.40 -20.35
N ASP A 191 20.65 -21.02 -21.63
CA ASP A 191 21.09 -21.93 -22.72
C ASP A 191 19.87 -22.68 -23.27
N ASN A 192 18.71 -22.48 -22.64
N ASN A 192 18.70 -22.50 -22.65
CA ASN A 192 17.46 -23.11 -23.13
CA ASN A 192 17.46 -23.13 -23.19
C ASN A 192 16.49 -21.96 -23.43
C ASN A 192 16.51 -22.02 -23.64
N PHE A 193 15.20 -22.27 -23.59
CA PHE A 193 14.21 -21.23 -23.93
C PHE A 193 12.91 -21.45 -23.16
N ARG A 194 12.11 -20.40 -23.01
CA ARG A 194 10.77 -20.56 -22.41
C ARG A 194 9.76 -19.99 -23.41
N ALA A 195 9.00 -20.85 -24.08
CA ALA A 195 7.98 -20.40 -25.01
C ALA A 195 6.73 -20.06 -24.21
N ILE A 196 6.32 -18.79 -24.25
CA ILE A 196 5.15 -18.33 -23.53
C ILE A 196 4.22 -17.66 -24.52
N VAL A 197 2.96 -17.55 -24.14
CA VAL A 197 2.03 -16.65 -24.80
C VAL A 197 1.91 -15.42 -23.92
N SER A 198 2.13 -14.24 -24.50
CA SER A 198 1.82 -12.98 -23.84
C SER A 198 0.36 -12.72 -24.14
N ILE A 199 -0.48 -12.93 -23.14
CA ILE A 199 -1.92 -12.95 -23.34
C ILE A 199 -2.40 -11.55 -23.72
N PHE A 200 -3.32 -11.48 -24.68
CA PHE A 200 -3.91 -10.19 -25.02
C PHE A 200 -4.73 -9.70 -23.85
N PRO A 201 -4.55 -8.46 -23.41
CA PRO A 201 -5.32 -7.98 -22.26
C PRO A 201 -6.79 -7.86 -22.62
N ASP A 202 -7.58 -8.82 -22.13
CA ASP A 202 -9.03 -8.88 -22.34
C ASP A 202 -9.72 -8.78 -20.97
N SER A 203 -10.05 -7.56 -20.54
CA SER A 203 -10.59 -7.38 -19.17
C SER A 203 -12.03 -7.85 -19.05
N ALA A 204 -12.71 -8.06 -20.18
CA ALA A 204 -14.11 -8.53 -20.17
C ALA A 204 -14.21 -9.96 -19.62
N ARG A 205 -13.31 -10.86 -20.00
CA ARG A 205 -13.43 -12.28 -19.58
C ARG A 205 -12.56 -12.59 -18.36
N LYS A 206 -11.78 -11.62 -17.88
CA LYS A 206 -10.98 -11.85 -16.65
C LYS A 206 -11.91 -12.29 -15.50
N PRO A 207 -13.05 -11.62 -15.16
CA PRO A 207 -13.94 -12.14 -14.11
C PRO A 207 -14.42 -13.55 -14.36
N PHE A 208 -14.68 -13.91 -15.62
CA PHE A 208 -15.10 -15.28 -15.91
C PHE A 208 -13.98 -16.26 -15.61
N PHE A 209 -12.75 -15.92 -16.02
CA PHE A 209 -11.60 -16.78 -15.77
C PHE A 209 -11.31 -16.91 -14.28
N LYS A 210 -11.44 -15.82 -13.52
CA LYS A 210 -11.28 -15.94 -12.07
C LYS A 210 -12.32 -16.91 -11.51
N LEU A 211 -13.55 -16.82 -12.00
CA LEU A 211 -14.60 -17.74 -11.57
C LEU A 211 -14.23 -19.20 -11.89
N LEU A 212 -13.76 -19.45 -13.11
CA LEU A 212 -13.40 -20.81 -13.46
C LEU A 212 -12.25 -21.29 -12.58
N THR A 213 -11.24 -20.45 -12.38
N THR A 213 -11.26 -20.43 -12.36
CA THR A 213 -10.13 -20.86 -11.53
CA THR A 213 -10.13 -20.80 -11.53
C THR A 213 -10.61 -21.19 -10.12
C THR A 213 -10.57 -21.14 -10.12
N SER A 214 -11.47 -20.35 -9.55
CA SER A 214 -11.97 -20.65 -8.21
C SER A 214 -12.74 -21.96 -8.20
N LYS A 215 -13.46 -22.27 -9.28
CA LYS A 215 -14.17 -23.54 -9.35
C LYS A 215 -13.20 -24.72 -9.33
N ILE A 216 -12.09 -24.62 -10.07
CA ILE A 216 -11.15 -25.72 -10.13
C ILE A 216 -10.47 -25.94 -8.77
N TYR A 217 -10.12 -24.85 -8.09
CA TYR A 217 -9.51 -25.00 -6.77
C TYR A 217 -10.48 -25.59 -5.76
N LYS A 218 -11.78 -25.32 -5.90
CA LYS A 218 -12.75 -26.00 -5.03
C LYS A 218 -12.89 -27.47 -5.38
N VAL A 219 -12.73 -27.84 -6.65
CA VAL A 219 -12.66 -29.26 -6.96
C VAL A 219 -11.47 -29.89 -6.25
N LEU A 220 -10.31 -29.23 -6.33
CA LEU A 220 -9.09 -29.73 -5.69
C LEU A 220 -9.27 -29.85 -4.18
N GLU A 221 -9.78 -28.79 -3.55
CA GLU A 221 -9.99 -28.82 -2.10
C GLU A 221 -10.96 -29.91 -1.69
N GLU A 222 -11.95 -30.19 -2.52
CA GLU A 222 -13.02 -31.10 -2.11
C GLU A 222 -12.75 -32.56 -2.45
N LYS A 223 -12.13 -32.84 -3.59
CA LYS A 223 -12.01 -34.21 -4.08
C LYS A 223 -10.62 -34.82 -3.96
N TYR A 224 -9.62 -34.05 -3.56
CA TYR A 224 -8.25 -34.53 -3.55
C TYR A 224 -7.64 -34.32 -2.17
N LYS A 225 -6.81 -35.28 -1.77
CA LYS A 225 -6.13 -35.19 -0.48
C LYS A 225 -5.29 -33.90 -0.42
N THR A 226 -5.58 -33.07 0.58
CA THR A 226 -4.86 -31.80 0.74
C THR A 226 -3.61 -32.08 1.56
N SER A 227 -2.46 -31.80 0.95
CA SER A 227 -1.19 -31.98 1.63
C SER A 227 -1.04 -30.92 2.74
N GLY A 228 -0.48 -31.33 3.88
CA GLY A 228 -0.04 -30.36 4.86
C GLY A 228 0.92 -29.37 4.24
N SER A 229 1.14 -28.26 4.95
CA SER A 229 2.10 -27.30 4.46
C SER A 229 3.51 -27.89 4.45
N LEU A 230 4.37 -27.31 3.61
CA LEU A 230 5.76 -27.74 3.59
C LEU A 230 6.38 -27.68 4.98
N TYR A 231 6.07 -26.61 5.72
CA TYR A 231 6.62 -26.41 7.06
C TYR A 231 6.12 -27.48 8.02
N THR A 232 4.83 -27.77 7.98
CA THR A 232 4.28 -28.80 8.86
C THR A 232 4.86 -30.16 8.53
N CYS A 233 5.01 -30.46 7.24
CA CYS A 233 5.54 -31.76 6.84
C CYS A 233 6.98 -31.94 7.28
N TRP A 234 7.83 -30.92 7.07
CA TRP A 234 9.22 -31.02 7.49
C TRP A 234 9.32 -31.10 9.00
N SER A 235 8.55 -30.27 9.69
N SER A 235 8.61 -30.26 9.76
CA SER A 235 8.56 -30.29 11.15
CA SER A 235 8.61 -30.27 11.22
C SER A 235 8.15 -31.65 11.69
C SER A 235 8.22 -31.64 11.76
N GLU A 236 7.06 -32.22 11.17
CA GLU A 236 6.62 -33.52 11.68
C GLU A 236 7.61 -34.63 11.29
N PHE A 237 8.15 -34.56 10.08
CA PHE A 237 9.08 -35.60 9.62
C PHE A 237 10.38 -35.58 10.43
N THR A 238 10.98 -34.39 10.64
CA THR A 238 12.23 -34.35 11.39
C THR A 238 12.01 -34.75 12.83
N GLN A 239 10.86 -34.38 13.39
CA GLN A 239 10.56 -34.74 14.76
C GLN A 239 10.51 -36.26 14.96
N LYS A 240 9.97 -37.00 13.99
CA LYS A 240 9.81 -38.45 14.21
C LYS A 240 10.94 -39.29 13.65
N THR A 241 11.85 -38.75 12.86
CA THR A 241 12.91 -39.53 12.26
C THR A 241 14.15 -39.45 13.14
N GLN A 242 14.68 -40.61 13.50
CA GLN A 242 15.80 -40.59 14.42
C GLN A 242 17.16 -40.69 13.76
N GLY A 243 17.31 -41.39 12.65
CA GLY A 243 18.62 -41.55 12.02
C GLY A 243 18.99 -40.49 11.00
N GLN A 244 19.96 -40.85 10.17
CA GLN A 244 20.28 -40.07 8.98
C GLN A 244 19.06 -39.99 8.05
N ILE A 245 18.77 -38.80 7.54
CA ILE A 245 17.72 -38.65 6.53
C ILE A 245 18.35 -38.75 5.15
N TYR A 246 17.70 -39.50 4.24
CA TYR A 246 18.07 -39.55 2.83
C TYR A 246 16.96 -38.88 2.02
N GLY A 247 17.32 -38.28 0.90
CA GLY A 247 16.28 -37.55 0.19
C GLY A 247 16.65 -37.22 -1.23
N ILE A 248 15.63 -36.79 -1.98
CA ILE A 248 15.86 -36.45 -3.38
C ILE A 248 14.89 -35.34 -3.76
N LYS A 249 15.38 -34.41 -4.55
CA LYS A 249 14.53 -33.43 -5.22
C LYS A 249 14.60 -33.65 -6.73
N VAL A 250 13.44 -33.75 -7.38
CA VAL A 250 13.38 -33.92 -8.83
C VAL A 250 12.41 -32.90 -9.41
N ASP A 251 12.64 -32.58 -10.68
CA ASP A 251 11.89 -31.59 -11.44
C ASP A 251 11.41 -32.21 -12.74
N ILE A 252 10.15 -31.97 -13.12
CA ILE A 252 9.65 -32.49 -14.39
C ILE A 252 10.17 -31.63 -15.53
N ARG A 253 10.64 -32.26 -16.59
CA ARG A 253 11.05 -31.50 -17.76
C ARG A 253 9.82 -30.91 -18.49
N ASP A 254 9.86 -29.62 -18.83
CA ASP A 254 8.84 -29.02 -19.70
C ASP A 254 7.43 -29.35 -19.18
N ALA A 255 7.19 -28.97 -17.93
CA ALA A 255 6.03 -29.52 -17.21
C ALA A 255 4.71 -29.24 -17.94
N TYR A 256 4.41 -27.98 -18.27
CA TYR A 256 3.14 -27.68 -18.94
C TYR A 256 3.06 -28.35 -20.29
N GLY A 257 4.18 -28.39 -21.02
CA GLY A 257 4.22 -28.97 -22.33
C GLY A 257 3.93 -30.45 -22.34
N ASN A 258 4.17 -31.14 -21.22
CA ASN A 258 3.95 -32.59 -21.15
C ASN A 258 2.65 -32.97 -20.47
N VAL A 259 1.81 -31.99 -20.14
CA VAL A 259 0.43 -32.31 -19.80
C VAL A 259 -0.23 -32.95 -21.01
N LYS A 260 -0.82 -34.12 -20.81
CA LYS A 260 -1.49 -34.83 -21.91
C LYS A 260 -2.90 -34.26 -22.03
N ILE A 261 -3.13 -33.44 -23.06
CA ILE A 261 -4.43 -32.76 -23.19
C ILE A 261 -5.58 -33.76 -23.26
N PRO A 262 -5.49 -34.89 -23.98
CA PRO A 262 -6.63 -35.82 -23.96
C PRO A 262 -6.93 -36.33 -22.56
N VAL A 263 -5.93 -36.58 -21.73
CA VAL A 263 -6.21 -37.04 -20.37
C VAL A 263 -6.84 -35.92 -19.55
N LEU A 264 -6.28 -34.70 -19.63
CA LEU A 264 -6.84 -33.57 -18.89
C LEU A 264 -8.30 -33.31 -19.28
N CYS A 265 -8.61 -33.40 -20.58
CA CYS A 265 -9.99 -33.22 -21.01
C CYS A 265 -10.92 -34.26 -20.39
N LYS A 266 -10.48 -35.53 -20.37
CA LYS A 266 -11.29 -36.57 -19.74
C LYS A 266 -11.46 -36.29 -18.25
N LEU A 267 -10.39 -35.83 -17.60
CA LEU A 267 -10.43 -35.44 -16.20
C LEU A 267 -11.44 -34.32 -15.94
N ILE A 268 -11.41 -33.27 -16.74
CA ILE A 268 -12.37 -32.16 -16.56
C ILE A 268 -13.80 -32.65 -16.75
N GLN A 269 -14.02 -33.48 -17.77
CA GLN A 269 -15.37 -33.93 -18.07
C GLN A 269 -15.93 -34.82 -16.98
N SER A 270 -15.08 -35.40 -16.12
CA SER A 270 -15.56 -36.25 -15.05
C SER A 270 -15.73 -35.50 -13.73
N ILE A 271 -15.44 -34.20 -13.68
CA ILE A 271 -15.74 -33.43 -12.47
C ILE A 271 -17.24 -33.47 -12.19
N PRO A 272 -17.65 -33.72 -10.95
CA PRO A 272 -19.09 -33.81 -10.65
C PRO A 272 -19.84 -32.53 -10.95
N THR A 273 -21.09 -32.70 -11.36
CA THR A 273 -21.84 -31.62 -11.99
C THR A 273 -22.06 -30.47 -11.02
N HIS A 274 -22.30 -30.78 -9.74
CA HIS A 274 -22.51 -29.72 -8.76
C HIS A 274 -21.26 -28.89 -8.52
N LEU A 275 -20.09 -29.36 -8.96
CA LEU A 275 -18.86 -28.57 -8.85
C LEU A 275 -18.50 -27.80 -10.11
N LEU A 276 -19.00 -28.23 -11.27
CA LEU A 276 -18.70 -27.53 -12.52
C LEU A 276 -19.81 -27.82 -13.51
N ASP A 277 -20.45 -26.76 -14.04
CA ASP A 277 -21.52 -26.89 -15.03
C ASP A 277 -21.09 -27.71 -16.22
N SER A 278 -22.05 -28.19 -17.00
CA SER A 278 -21.71 -28.75 -18.29
C SER A 278 -21.15 -27.67 -19.23
N GLU A 279 -21.76 -26.47 -19.29
CA GLU A 279 -21.19 -25.46 -20.19
C GLU A 279 -19.76 -25.09 -19.79
N LYS A 280 -19.49 -24.96 -18.49
CA LYS A 280 -18.14 -24.57 -18.09
C LYS A 280 -17.15 -25.67 -18.41
N LYS A 281 -17.55 -26.92 -18.20
CA LYS A 281 -16.68 -28.03 -18.58
C LYS A 281 -16.37 -27.96 -20.07
N ASN A 282 -17.41 -27.76 -20.90
CA ASN A 282 -17.19 -27.72 -22.33
C ASN A 282 -16.32 -26.53 -22.71
N PHE A 283 -16.53 -25.38 -22.04
CA PHE A 283 -15.70 -24.22 -22.32
C PHE A 283 -14.22 -24.51 -22.09
N ILE A 284 -13.88 -25.10 -20.93
CA ILE A 284 -12.48 -25.39 -20.61
C ILE A 284 -11.89 -26.38 -21.61
N VAL A 285 -12.63 -27.46 -21.92
CA VAL A 285 -12.15 -28.45 -22.88
C VAL A 285 -11.86 -27.79 -24.22
N ASP A 286 -12.80 -26.98 -24.72
CA ASP A 286 -12.55 -26.26 -25.97
C ASP A 286 -11.35 -25.32 -25.83
N HIS A 287 -11.24 -24.64 -24.68
CA HIS A 287 -10.16 -23.70 -24.45
C HIS A 287 -8.79 -24.35 -24.59
N ILE A 288 -8.57 -25.49 -23.91
CA ILE A 288 -7.25 -26.10 -23.95
C ILE A 288 -7.00 -26.97 -25.19
N SER A 289 -8.05 -27.30 -25.94
CA SER A 289 -7.92 -28.05 -27.18
C SER A 289 -7.62 -27.16 -28.38
N ASN A 290 -7.88 -25.85 -28.28
CA ASN A 290 -7.70 -24.94 -29.41
C ASN A 290 -6.89 -23.73 -28.95
N GLN A 291 -5.56 -23.89 -28.89
CA GLN A 291 -4.68 -22.84 -28.41
C GLN A 291 -4.02 -22.22 -29.62
N PHE A 292 -4.35 -20.95 -29.90
CA PHE A 292 -3.89 -20.25 -31.11
C PHE A 292 -3.09 -19.02 -30.71
N VAL A 293 -1.92 -18.87 -31.31
CA VAL A 293 -1.00 -17.80 -30.94
C VAL A 293 -0.49 -17.13 -32.20
N ALA A 294 -0.22 -15.84 -32.08
CA ALA A 294 0.37 -15.08 -33.17
C ALA A 294 1.89 -15.11 -33.06
N PHE A 295 2.55 -15.23 -34.21
CA PHE A 295 3.99 -15.16 -34.25
C PHE A 295 4.43 -14.70 -35.63
N ARG A 296 5.19 -13.60 -35.67
CA ARG A 296 5.81 -13.07 -36.89
C ARG A 296 4.84 -13.02 -38.07
N ARG A 297 3.69 -12.39 -37.85
N ARG A 297 3.71 -12.33 -37.86
CA ARG A 297 2.67 -12.08 -38.87
CA ARG A 297 2.71 -12.10 -38.96
C ARG A 297 1.86 -13.31 -39.26
C ARG A 297 1.91 -13.35 -39.34
N LYS A 298 1.99 -14.43 -38.55
CA LYS A 298 1.17 -15.60 -38.82
C LYS A 298 0.54 -16.13 -37.53
N ILE A 299 -0.38 -17.08 -37.70
CA ILE A 299 -1.18 -17.62 -36.61
C ILE A 299 -0.91 -19.12 -36.53
N TYR A 300 -0.65 -19.60 -35.31
CA TYR A 300 -0.26 -20.98 -35.12
C TYR A 300 -1.15 -21.64 -34.08
N LYS A 301 -1.39 -22.93 -34.26
N LYS A 301 -1.37 -22.94 -34.25
CA LYS A 301 -1.96 -23.74 -33.19
CA LYS A 301 -1.97 -23.75 -33.20
C LYS A 301 -0.83 -24.28 -32.33
C LYS A 301 -0.85 -24.31 -32.34
N TRP A 302 -1.01 -24.21 -31.02
CA TRP A 302 -0.08 -24.78 -30.07
C TRP A 302 -0.61 -26.14 -29.64
N ASN A 303 0.12 -27.19 -30.01
CA ASN A 303 -0.15 -28.61 -29.73
C ASN A 303 0.91 -29.32 -28.89
N HIS A 304 1.30 -28.71 -27.79
CA HIS A 304 2.27 -29.34 -26.91
C HIS A 304 1.81 -29.01 -25.49
N GLY A 305 0.91 -29.84 -24.95
CA GLY A 305 0.42 -29.60 -23.61
C GLY A 305 -0.25 -28.25 -23.46
N LEU A 306 -0.15 -27.69 -22.24
CA LEU A 306 -0.78 -26.42 -21.89
C LEU A 306 0.10 -25.24 -22.25
N LEU A 307 -0.52 -24.19 -22.79
CA LEU A 307 0.22 -22.98 -23.12
C LEU A 307 0.69 -22.29 -21.85
N GLN A 308 1.99 -22.01 -21.75
CA GLN A 308 2.49 -21.23 -20.62
C GLN A 308 2.21 -19.74 -20.84
N GLY A 309 1.53 -19.13 -19.89
CA GLY A 309 1.10 -17.74 -20.00
C GLY A 309 -0.39 -17.59 -20.21
N ASP A 310 -1.10 -18.69 -20.41
CA ASP A 310 -2.56 -18.60 -20.43
C ASP A 310 -3.06 -18.67 -19.00
N PRO A 311 -4.00 -17.80 -18.60
CA PRO A 311 -4.41 -17.73 -17.19
C PRO A 311 -4.98 -19.03 -16.63
N LEU A 312 -5.67 -19.83 -17.45
CA LEU A 312 -6.26 -21.06 -16.94
C LEU A 312 -5.24 -22.20 -16.76
N SER A 313 -4.06 -22.10 -17.37
CA SER A 313 -3.12 -23.22 -17.34
C SER A 313 -2.65 -23.52 -15.94
N GLY A 314 -2.63 -22.53 -15.06
CA GLY A 314 -2.16 -22.70 -13.70
C GLY A 314 -3.01 -23.66 -12.90
N CYS A 315 -4.32 -23.41 -12.81
CA CYS A 315 -5.13 -24.32 -12.03
C CYS A 315 -5.29 -25.67 -12.73
N LEU A 316 -5.21 -25.69 -14.07
CA LEU A 316 -5.41 -26.96 -14.78
C LEU A 316 -4.19 -27.87 -14.63
N CYS A 317 -2.98 -27.30 -14.61
CA CYS A 317 -1.80 -28.13 -14.35
C CYS A 317 -1.86 -28.69 -12.94
N GLU A 318 -2.32 -27.88 -11.99
CA GLU A 318 -2.49 -28.37 -10.62
C GLU A 318 -3.51 -29.50 -10.56
N LEU A 319 -4.63 -29.38 -11.28
CA LEU A 319 -5.61 -30.45 -11.35
C LEU A 319 -4.98 -31.75 -11.90
N TYR A 320 -4.19 -31.61 -12.96
CA TYR A 320 -3.55 -32.75 -13.59
C TYR A 320 -2.54 -33.41 -12.63
N MET A 321 -1.71 -32.60 -11.98
CA MET A 321 -0.74 -33.14 -11.03
C MET A 321 -1.41 -33.78 -9.82
N ALA A 322 -2.49 -33.18 -9.31
CA ALA A 322 -3.19 -33.81 -8.19
C ALA A 322 -3.72 -35.19 -8.56
N PHE A 323 -4.19 -35.32 -9.80
CA PHE A 323 -4.65 -36.58 -10.32
C PHE A 323 -3.49 -37.58 -10.42
N MET A 324 -2.38 -37.14 -11.01
CA MET A 324 -1.19 -37.97 -11.07
C MET A 324 -0.78 -38.41 -9.67
N ASP A 325 -0.85 -37.49 -8.69
CA ASP A 325 -0.47 -37.84 -7.33
C ASP A 325 -1.38 -38.91 -6.74
N ARG A 326 -2.70 -38.80 -6.99
CA ARG A 326 -3.64 -39.80 -6.49
C ARG A 326 -3.36 -41.15 -7.12
N LEU A 327 -3.05 -41.17 -8.41
CA LEU A 327 -2.82 -42.44 -9.09
C LEU A 327 -1.51 -43.09 -8.66
N TYR A 328 -0.43 -42.31 -8.55
CA TYR A 328 0.91 -42.88 -8.47
C TYR A 328 1.67 -42.56 -7.20
N PHE A 329 1.39 -41.43 -6.56
CA PHE A 329 2.22 -40.99 -5.40
C PHE A 329 1.36 -40.91 -4.14
N SER A 330 0.53 -41.92 -3.92
N SER A 330 0.55 -41.93 -3.91
CA SER A 330 -0.33 -41.95 -2.70
CA SER A 330 -0.32 -41.95 -2.70
C SER A 330 -0.09 -43.28 -1.97
C SER A 330 -0.11 -43.28 -1.98
N ASN A 331 -0.51 -43.34 -0.70
CA ASN A 331 -0.33 -44.58 0.10
C ASN A 331 1.16 -44.92 0.24
N LEU A 332 1.99 -43.89 0.45
CA LEU A 332 3.45 -44.10 0.66
C LEU A 332 3.72 -44.45 2.12
N ASP A 333 4.95 -44.81 2.49
CA ASP A 333 5.19 -45.26 3.86
C ASP A 333 4.96 -44.14 4.87
N LYS A 334 4.49 -44.53 6.06
CA LYS A 334 4.33 -43.56 7.15
C LYS A 334 5.66 -42.92 7.47
N ASP A 335 6.75 -43.68 7.30
CA ASP A 335 8.13 -43.26 7.51
C ASP A 335 8.58 -42.08 6.66
N ALA A 336 7.93 -41.86 5.53
CA ALA A 336 8.49 -41.01 4.49
C ALA A 336 7.91 -39.60 4.56
N PHE A 337 8.58 -38.71 3.85
CA PHE A 337 8.23 -37.32 3.65
C PHE A 337 8.03 -37.14 2.16
N ILE A 338 6.96 -36.46 1.77
CA ILE A 338 6.83 -36.08 0.37
C ILE A 338 6.13 -34.73 0.31
N HIS A 339 6.58 -33.90 -0.62
CA HIS A 339 5.92 -32.63 -0.87
C HIS A 339 6.12 -32.27 -2.35
N ARG A 340 5.09 -31.68 -2.95
CA ARG A 340 5.17 -31.30 -4.39
C ARG A 340 4.83 -29.82 -4.59
N THR A 341 5.68 -29.10 -5.31
CA THR A 341 5.35 -27.70 -5.70
C THR A 341 5.25 -27.69 -7.22
N VAL A 342 4.05 -27.57 -7.77
CA VAL A 342 3.86 -27.61 -9.26
C VAL A 342 4.49 -28.91 -9.78
N ASP A 343 5.62 -28.82 -10.49
CA ASP A 343 6.27 -30.01 -11.10
C ASP A 343 7.49 -30.47 -10.28
N ASP A 344 7.69 -29.92 -9.07
N ASP A 344 7.66 -29.95 -9.06
CA ASP A 344 8.90 -30.28 -8.29
CA ASP A 344 8.87 -30.28 -8.26
C ASP A 344 8.54 -31.16 -7.10
C ASP A 344 8.50 -31.19 -7.09
N TYR A 345 9.22 -32.30 -6.96
CA TYR A 345 8.97 -33.20 -5.85
C TYR A 345 10.18 -33.25 -4.93
N PHE A 346 9.89 -33.27 -3.64
CA PHE A 346 10.87 -33.44 -2.59
C PHE A 346 10.44 -34.67 -1.80
N PHE A 347 11.26 -35.72 -1.83
CA PHE A 347 10.97 -36.98 -1.16
C PHE A 347 12.13 -37.33 -0.22
N CYS A 348 11.81 -37.67 1.03
CA CYS A 348 12.82 -38.10 2.00
C CYS A 348 12.36 -39.29 2.81
N SER A 349 13.35 -40.02 3.34
CA SER A 349 13.10 -41.20 4.12
C SER A 349 14.38 -41.55 4.88
N PRO A 350 14.26 -42.16 6.07
CA PRO A 350 15.45 -42.76 6.71
C PRO A 350 15.96 -44.01 6.01
N HIS A 351 15.25 -44.50 5.00
CA HIS A 351 15.66 -45.73 4.32
C HIS A 351 16.19 -45.39 2.93
N PRO A 352 17.49 -45.51 2.69
CA PRO A 352 18.02 -45.07 1.39
C PRO A 352 17.37 -45.74 0.19
N HIS A 353 17.08 -47.04 0.27
N HIS A 353 17.10 -47.05 0.31
CA HIS A 353 16.54 -47.75 -0.89
CA HIS A 353 16.51 -47.82 -0.82
C HIS A 353 15.14 -47.27 -1.24
C HIS A 353 15.18 -47.20 -1.23
N LYS A 354 14.37 -46.82 -0.25
CA LYS A 354 13.07 -46.21 -0.52
C LYS A 354 13.20 -44.90 -1.30
N VAL A 355 14.22 -44.10 -0.99
CA VAL A 355 14.48 -42.92 -1.81
C VAL A 355 14.83 -43.35 -3.23
N TYR A 356 15.69 -44.37 -3.36
CA TYR A 356 16.01 -44.92 -4.66
C TYR A 356 14.74 -45.42 -5.38
N ASP A 357 13.87 -46.16 -4.68
CA ASP A 357 12.63 -46.62 -5.28
C ASP A 357 11.77 -45.44 -5.75
N PHE A 358 11.69 -44.37 -4.96
CA PHE A 358 10.91 -43.20 -5.37
C PHE A 358 11.46 -42.60 -6.64
N GLU A 359 12.79 -42.51 -6.74
CA GLU A 359 13.40 -42.00 -7.96
C GLU A 359 13.00 -42.85 -9.16
N LEU A 360 13.03 -44.18 -9.02
CA LEU A 360 12.64 -45.04 -10.13
C LEU A 360 11.17 -44.84 -10.48
N LEU A 361 10.33 -44.68 -9.46
CA LEU A 361 8.90 -44.48 -9.71
C LEU A 361 8.66 -43.19 -10.48
N ILE A 362 9.24 -42.08 -10.00
CA ILE A 362 9.05 -40.77 -10.62
C ILE A 362 9.56 -40.81 -12.07
N LYS A 363 10.68 -41.49 -12.29
CA LYS A 363 11.25 -41.55 -13.64
C LYS A 363 10.45 -42.44 -14.59
N GLY A 364 9.66 -43.38 -14.09
CA GLY A 364 8.76 -44.11 -14.96
C GLY A 364 7.51 -43.31 -15.32
N VAL A 365 7.07 -42.43 -14.44
CA VAL A 365 5.82 -41.73 -14.65
C VAL A 365 6.03 -40.43 -15.43
N TYR A 366 7.12 -39.71 -15.20
CA TYR A 366 7.42 -38.46 -15.86
C TYR A 366 8.74 -38.54 -16.60
N GLN A 367 8.99 -37.61 -17.51
CA GLN A 367 10.35 -37.35 -17.95
C GLN A 367 10.96 -36.30 -17.04
N VAL A 368 12.01 -36.64 -16.41
CA VAL A 368 12.64 -35.81 -15.41
C VAL A 368 13.63 -34.88 -16.09
N ASN A 369 13.80 -33.70 -15.51
N ASN A 369 13.81 -33.71 -15.49
CA ASN A 369 14.90 -32.82 -15.87
CA ASN A 369 14.90 -32.83 -15.88
C ASN A 369 16.10 -33.23 -15.03
C ASN A 369 16.12 -33.21 -15.04
N PRO A 370 17.06 -33.99 -15.57
CA PRO A 370 18.16 -34.48 -14.74
C PRO A 370 19.15 -33.41 -14.33
N THR A 371 19.12 -32.21 -14.92
CA THR A 371 20.03 -31.17 -14.47
C THR A 371 19.61 -30.62 -13.12
N LYS A 372 18.33 -30.75 -12.77
CA LYS A 372 17.79 -30.18 -11.55
C LYS A 372 17.73 -31.17 -10.39
N THR A 373 18.07 -32.44 -10.61
CA THR A 373 18.00 -33.44 -9.55
C THR A 373 19.07 -33.16 -8.49
N ARG A 374 18.68 -33.22 -7.22
CA ARG A 374 19.61 -33.12 -6.10
C ARG A 374 19.29 -34.21 -5.09
N THR A 375 20.34 -34.86 -4.58
CA THR A 375 20.14 -35.98 -3.66
C THR A 375 21.40 -36.18 -2.82
N ASN A 376 21.23 -36.82 -1.68
CA ASN A 376 22.38 -37.30 -0.92
C ASN A 376 22.52 -38.82 -0.97
N LEU A 377 21.87 -39.45 -1.92
CA LEU A 377 22.04 -40.90 -2.13
C LEU A 377 23.49 -41.19 -2.51
N PRO A 378 24.17 -42.09 -1.77
CA PRO A 378 25.58 -42.41 -2.11
C PRO A 378 25.79 -42.98 -3.50
N THR A 379 24.83 -43.72 -4.03
CA THR A 379 24.96 -44.27 -5.38
C THR A 379 24.98 -43.20 -6.47
N HIS A 380 24.47 -42.01 -6.18
CA HIS A 380 24.36 -40.95 -7.17
C HIS A 380 25.71 -40.30 -7.46
N ARG A 381 25.73 -39.54 -8.55
CA ARG A 381 26.97 -39.03 -9.11
C ARG A 381 27.65 -38.07 -8.15
N HIS A 382 26.96 -37.00 -7.79
CA HIS A 382 27.47 -35.98 -6.89
C HIS A 382 26.51 -35.76 -5.75
N PRO A 383 26.53 -36.61 -4.74
CA PRO A 383 25.60 -36.45 -3.61
C PRO A 383 25.92 -35.21 -2.79
N GLN A 384 24.88 -34.61 -2.22
CA GLN A 384 25.09 -33.45 -1.35
C GLN A 384 24.00 -33.46 -0.28
N ASP A 385 24.34 -32.99 0.91
CA ASP A 385 23.36 -32.97 2.00
C ASP A 385 22.40 -31.79 1.94
N GLU A 386 22.71 -30.76 1.17
CA GLU A 386 21.86 -29.58 1.10
C GLU A 386 21.04 -29.64 -0.16
N ILE A 387 19.73 -29.75 0.00
CA ILE A 387 18.77 -29.91 -1.08
C ILE A 387 18.03 -28.59 -1.24
N PRO A 388 18.15 -27.91 -2.38
CA PRO A 388 17.34 -26.71 -2.61
C PRO A 388 15.92 -27.11 -3.02
N TYR A 389 14.93 -26.50 -2.37
CA TYR A 389 13.55 -26.81 -2.72
C TYR A 389 12.68 -25.64 -2.31
N CYS A 390 11.85 -25.15 -3.23
CA CYS A 390 10.86 -24.09 -2.88
C CYS A 390 11.54 -22.88 -2.23
N GLY A 391 12.72 -22.49 -2.72
CA GLY A 391 13.36 -21.29 -2.22
C GLY A 391 14.07 -21.43 -0.90
N LYS A 392 14.23 -22.65 -0.38
CA LYS A 392 14.93 -22.90 0.87
C LYS A 392 15.95 -24.00 0.61
N ILE A 393 16.91 -24.11 1.52
CA ILE A 393 17.92 -25.15 1.45
C ILE A 393 17.75 -26.02 2.68
N PHE A 394 17.40 -27.29 2.46
CA PHE A 394 17.18 -28.27 3.51
C PHE A 394 18.43 -29.12 3.66
N ASN A 395 19.06 -29.08 4.82
CA ASN A 395 20.22 -29.93 5.07
C ASN A 395 19.70 -31.23 5.66
N LEU A 396 19.85 -32.33 4.91
CA LEU A 396 19.29 -33.60 5.36
C LEU A 396 20.01 -34.13 6.60
N THR A 397 21.29 -33.82 6.75
CA THR A 397 22.02 -34.32 7.90
C THR A 397 21.67 -33.54 9.16
N THR A 398 21.74 -32.23 9.12
CA THR A 398 21.51 -31.44 10.32
C THR A 398 20.04 -31.04 10.52
N ARG A 399 19.19 -31.27 9.53
CA ARG A 399 17.79 -30.92 9.53
C ARG A 399 17.55 -29.41 9.49
N GLN A 400 18.60 -28.60 9.29
CA GLN A 400 18.50 -27.13 9.31
C GLN A 400 18.03 -26.58 7.96
N VAL A 401 17.24 -25.49 8.01
CA VAL A 401 16.71 -24.86 6.80
C VAL A 401 17.22 -23.42 6.70
N ARG A 402 17.76 -23.10 5.53
CA ARG A 402 18.33 -21.79 5.24
C ARG A 402 17.70 -21.25 3.95
N THR A 403 17.67 -19.93 3.83
CA THR A 403 17.07 -19.33 2.64
C THR A 403 17.99 -19.59 1.45
N LEU A 404 17.40 -19.88 0.30
CA LEU A 404 18.17 -19.99 -0.93
C LEU A 404 18.27 -18.61 -1.57
N TYR A 405 19.48 -18.18 -1.92
CA TYR A 405 19.69 -16.91 -2.61
C TYR A 405 20.28 -17.20 -3.98
N LYS A 406 19.65 -16.65 -5.02
CA LYS A 406 20.06 -16.94 -6.39
C LYS A 406 20.98 -15.80 -6.84
N LEU A 407 22.27 -16.02 -6.68
CA LEU A 407 23.29 -15.01 -6.96
C LEU A 407 24.43 -15.65 -7.72
N PRO A 408 24.26 -15.82 -9.03
CA PRO A 408 25.36 -16.36 -9.85
C PRO A 408 26.61 -15.51 -9.71
N PRO A 409 27.77 -16.02 -10.13
CA PRO A 409 28.98 -15.20 -10.11
C PRO A 409 28.90 -14.04 -11.11
N ASN A 410 29.51 -12.93 -10.74
CA ASN A 410 29.50 -11.69 -11.54
C ASN A 410 28.08 -11.21 -11.85
N TYR A 411 27.14 -11.47 -10.95
CA TYR A 411 25.79 -10.93 -11.08
C TYR A 411 25.73 -9.59 -10.37
N GLU A 412 25.25 -8.57 -11.07
CA GLU A 412 25.13 -7.27 -10.43
C GLU A 412 23.90 -7.29 -9.54
N ILE A 413 24.14 -7.29 -8.22
CA ILE A 413 23.04 -7.47 -7.27
C ILE A 413 22.05 -6.31 -7.32
N ARG A 414 22.46 -5.13 -7.81
CA ARG A 414 21.51 -4.03 -7.91
C ARG A 414 20.28 -4.41 -8.76
N HIS A 415 20.42 -5.38 -9.67
CA HIS A 415 19.30 -5.83 -10.48
C HIS A 415 18.20 -6.48 -9.64
N LYS A 416 18.48 -6.83 -8.38
CA LYS A 416 17.43 -7.41 -7.55
C LYS A 416 16.44 -6.37 -7.09
N PHE A 417 16.82 -5.09 -7.05
CA PHE A 417 16.11 -4.10 -6.29
C PHE A 417 15.39 -3.14 -7.23
N LYS A 418 14.12 -2.84 -6.92
CA LYS A 418 13.37 -1.83 -7.67
C LYS A 418 13.42 -0.53 -6.88
N LEU A 419 14.41 0.33 -7.17
CA LEU A 419 14.55 1.56 -6.39
C LEU A 419 13.67 2.70 -6.90
N TRP A 420 13.19 2.61 -8.14
CA TRP A 420 12.45 3.68 -8.81
C TRP A 420 11.07 3.18 -9.26
N ASN A 421 10.04 3.94 -8.95
CA ASN A 421 8.69 3.59 -9.39
C ASN A 421 8.14 4.83 -10.09
N PHE A 422 7.93 4.73 -11.41
CA PHE A 422 7.51 5.88 -12.22
C PHE A 422 6.12 6.39 -11.82
N ASN A 423 5.30 5.55 -11.18
CA ASN A 423 3.97 6.00 -10.75
C ASN A 423 3.97 6.67 -9.40
N ASN A 424 5.04 6.52 -8.62
CA ASN A 424 5.16 7.09 -7.28
C ASN A 424 6.54 7.75 -7.19
N GLN A 425 6.64 8.95 -7.72
CA GLN A 425 7.92 9.63 -7.92
C GLN A 425 8.29 10.44 -6.68
N ILE A 426 9.60 10.57 -6.45
CA ILE A 426 10.17 11.21 -5.27
C ILE A 426 11.09 12.33 -5.73
N SER A 427 10.92 13.52 -5.14
CA SER A 427 11.69 14.69 -5.55
C SER A 427 13.19 14.53 -5.25
N ASP A 428 14.02 15.22 -6.03
CA ASP A 428 15.46 15.12 -5.83
C ASP A 428 15.95 15.80 -4.54
N ASP A 429 15.05 16.54 -3.89
CA ASP A 429 15.36 17.17 -2.58
C ASP A 429 14.74 16.36 -1.44
N ASN A 430 14.24 15.15 -1.72
CA ASN A 430 13.69 14.29 -0.67
C ASN A 430 14.46 12.96 -0.60
N PRO A 431 15.77 13.00 -0.43
CA PRO A 431 16.52 11.73 -0.34
C PRO A 431 16.04 10.83 0.79
N ALA A 432 15.54 11.41 1.88
CA ALA A 432 15.06 10.60 2.99
C ALA A 432 13.91 9.70 2.55
N ARG A 433 12.97 10.25 1.78
CA ARG A 433 11.84 9.46 1.31
C ARG A 433 12.29 8.33 0.40
N PHE A 434 13.27 8.60 -0.47
CA PHE A 434 13.81 7.53 -1.32
C PHE A 434 14.40 6.41 -0.48
N LEU A 435 15.16 6.75 0.57
CA LEU A 435 15.78 5.72 1.38
C LEU A 435 14.75 4.97 2.18
N GLN A 436 13.73 5.68 2.69
CA GLN A 436 12.64 5.02 3.41
C GLN A 436 11.98 3.93 2.56
N LYS A 437 11.65 4.23 1.30
CA LYS A 437 11.08 3.19 0.43
C LYS A 437 12.09 2.05 0.21
N ALA A 438 13.37 2.39 0.04
CA ALA A 438 14.36 1.35 -0.18
C ALA A 438 14.49 0.42 1.02
N MET A 439 14.27 0.91 2.24
CA MET A 439 14.45 0.04 3.40
C MET A 439 13.17 -0.63 3.86
N ASP A 440 12.04 -0.36 3.20
CA ASP A 440 10.80 -1.06 3.56
C ASP A 440 10.99 -2.57 3.40
N PHE A 441 10.24 -3.30 4.21
CA PHE A 441 10.31 -4.74 4.46
C PHE A 441 9.96 -5.68 3.31
N PRO A 442 8.89 -5.44 2.53
CA PRO A 442 8.40 -6.49 1.63
C PRO A 442 9.43 -7.13 0.71
N PHE A 443 10.41 -6.38 0.19
CA PHE A 443 11.31 -7.02 -0.77
C PHE A 443 12.07 -8.20 -0.15
N ILE A 444 12.34 -8.18 1.16
CA ILE A 444 13.12 -9.23 1.84
C ILE A 444 12.25 -10.11 2.73
N CYS A 445 10.93 -9.94 2.68
CA CYS A 445 10.05 -10.64 3.61
C CYS A 445 10.03 -12.16 3.41
N ASN A 446 10.48 -12.66 2.25
CA ASN A 446 10.50 -14.12 2.10
C ASN A 446 11.66 -14.77 2.83
N SER A 447 12.59 -13.97 3.36
CA SER A 447 13.64 -14.44 4.25
C SER A 447 13.25 -14.32 5.71
N PHE A 448 12.02 -13.87 5.99
CA PHE A 448 11.58 -13.61 7.34
C PHE A 448 10.37 -14.46 7.68
N THR A 449 10.45 -15.75 7.37
CA THR A 449 9.35 -16.66 7.61
C THR A 449 9.70 -17.63 8.72
N LYS A 450 8.70 -18.44 9.08
CA LYS A 450 8.86 -19.47 10.09
C LYS A 450 9.95 -20.47 9.70
N PHE A 451 10.22 -20.65 8.41
CA PHE A 451 11.30 -21.55 8.00
C PHE A 451 12.64 -21.06 8.51
N GLU A 452 12.87 -19.75 8.45
CA GLU A 452 14.15 -19.21 8.86
C GLU A 452 14.28 -19.07 10.37
N PHE A 453 13.18 -18.78 11.06
CA PHE A 453 13.23 -18.30 12.43
C PHE A 453 12.63 -19.23 13.47
N ASN A 454 12.14 -20.39 13.07
CA ASN A 454 11.67 -21.33 14.09
C ASN A 454 12.85 -21.89 14.87
N THR A 455 12.55 -22.33 16.09
CA THR A 455 13.50 -23.11 16.88
C THR A 455 12.92 -24.47 17.18
N VAL A 456 12.15 -24.99 16.22
CA VAL A 456 11.57 -26.32 16.28
C VAL A 456 12.58 -27.32 15.70
N PHE A 457 12.92 -27.16 14.41
CA PHE A 457 14.01 -27.96 13.85
C PHE A 457 15.29 -27.16 13.67
N ASN A 458 15.20 -25.84 13.50
CA ASN A 458 16.39 -25.00 13.39
C ASN A 458 17.00 -24.75 14.77
N ASP A 459 18.32 -24.83 14.85
CA ASP A 459 19.08 -24.34 16.00
C ASP A 459 19.17 -22.81 15.96
N GLN A 460 19.56 -22.23 17.09
CA GLN A 460 19.84 -20.79 17.13
C GLN A 460 20.93 -20.41 16.14
N ARG A 461 21.93 -21.28 15.97
N ARG A 461 21.96 -21.24 15.98
CA ARG A 461 23.02 -21.08 15.02
CA ARG A 461 22.98 -20.94 14.98
C ARG A 461 22.48 -20.74 13.62
C ARG A 461 22.35 -20.66 13.61
N THR A 462 21.49 -21.50 13.14
N THR A 462 21.47 -21.56 13.15
CA THR A 462 20.98 -21.20 11.80
CA THR A 462 20.83 -21.39 11.85
C THR A 462 19.93 -20.09 11.82
C THR A 462 19.94 -20.15 11.84
N VAL A 463 19.20 -19.91 12.92
CA VAL A 463 18.34 -18.73 13.02
C VAL A 463 19.16 -17.45 12.86
N PHE A 464 20.26 -17.34 13.63
CA PHE A 464 21.14 -16.18 13.52
C PHE A 464 21.77 -16.07 12.13
N ALA A 465 22.21 -17.19 11.56
CA ALA A 465 22.78 -17.17 10.21
C ALA A 465 21.75 -16.68 9.18
N ASN A 466 20.50 -17.15 9.28
CA ASN A 466 19.48 -16.70 8.34
C ASN A 466 19.26 -15.20 8.46
N PHE A 467 19.22 -14.69 9.68
CA PHE A 467 19.02 -13.26 9.91
C PHE A 467 20.19 -12.45 9.35
N TYR A 468 21.40 -12.88 9.62
CA TYR A 468 22.57 -12.19 9.08
C TYR A 468 22.53 -12.14 7.56
N ASP A 469 22.29 -13.28 6.92
CA ASP A 469 22.19 -13.34 5.45
C ASP A 469 21.13 -12.39 4.91
N ALA A 470 19.96 -12.34 5.55
CA ALA A 470 18.93 -11.43 5.11
C ALA A 470 19.39 -9.98 5.25
N MET A 471 20.04 -9.63 6.37
CA MET A 471 20.50 -8.27 6.60
C MET A 471 21.66 -7.92 5.66
N ILE A 472 22.43 -8.90 5.21
CA ILE A 472 23.38 -8.64 4.13
C ILE A 472 22.62 -8.16 2.90
N CYS A 473 21.51 -8.83 2.53
N CYS A 473 21.48 -8.79 2.59
CA CYS A 473 20.73 -8.34 1.40
CA CYS A 473 20.68 -8.39 1.40
C CYS A 473 20.22 -6.92 1.64
C CYS A 473 20.12 -6.99 1.61
N VAL A 474 19.72 -6.65 2.83
CA VAL A 474 19.23 -5.31 3.14
C VAL A 474 20.34 -4.30 2.94
N ALA A 475 21.55 -4.62 3.43
CA ALA A 475 22.68 -3.68 3.35
C ALA A 475 23.07 -3.44 1.90
N TYR A 476 23.05 -4.48 1.08
CA TYR A 476 23.30 -4.29 -0.35
C TYR A 476 22.24 -3.41 -1.00
N LYS A 477 20.98 -3.53 -0.58
N LYS A 477 20.98 -3.54 -0.58
CA LYS A 477 19.97 -2.60 -1.08
CA LYS A 477 19.95 -2.62 -1.06
C LYS A 477 20.26 -1.18 -0.62
C LYS A 477 20.24 -1.19 -0.60
N PHE A 478 20.66 -1.02 0.65
CA PHE A 478 21.00 0.31 1.13
C PHE A 478 22.12 0.91 0.29
N ASP A 479 23.15 0.10 0.00
CA ASP A 479 24.26 0.60 -0.80
C ASP A 479 23.80 1.00 -2.19
N ALA A 480 22.94 0.17 -2.81
CA ALA A 480 22.43 0.50 -4.14
C ALA A 480 21.63 1.80 -4.14
N ALA A 481 20.83 2.03 -3.10
CA ALA A 481 20.09 3.29 -2.98
C ALA A 481 21.04 4.47 -2.77
N MET A 482 22.07 4.27 -1.95
CA MET A 482 23.08 5.31 -1.72
C MET A 482 23.79 5.68 -3.01
N MET A 483 24.11 4.70 -3.85
CA MET A 483 24.69 5.02 -5.15
C MET A 483 23.72 5.86 -5.98
N ALA A 484 22.42 5.54 -5.89
CA ALA A 484 21.41 6.31 -6.61
C ALA A 484 21.31 7.75 -6.08
N LEU A 485 21.38 7.93 -4.76
CA LEU A 485 21.36 9.28 -4.19
C LEU A 485 22.51 10.15 -4.66
N ARG A 486 23.71 9.59 -4.71
CA ARG A 486 24.86 10.41 -5.10
C ARG A 486 24.94 10.66 -6.60
N THR A 487 24.46 9.72 -7.44
CA THR A 487 24.50 9.92 -8.88
C THR A 487 23.23 10.57 -9.43
N SER A 488 22.08 10.39 -8.78
CA SER A 488 20.85 11.01 -9.28
C SER A 488 20.32 12.13 -8.41
N PHE A 489 20.19 11.92 -7.09
CA PHE A 489 19.82 13.08 -6.26
C PHE A 489 20.94 14.10 -6.15
N LEU A 490 22.20 13.69 -6.39
CA LEU A 490 23.39 14.53 -6.19
C LEU A 490 23.45 15.07 -4.76
N VAL A 491 23.17 14.20 -3.78
CA VAL A 491 23.12 14.61 -2.38
C VAL A 491 24.50 15.07 -1.94
N ASN A 492 24.54 16.26 -1.30
CA ASN A 492 25.78 16.78 -0.71
C ASN A 492 25.91 16.40 0.76
N ASP A 493 24.90 16.68 1.59
CA ASP A 493 24.95 16.42 3.02
C ASP A 493 24.22 15.12 3.35
N PHE A 494 24.92 14.20 4.02
CA PHE A 494 24.41 12.89 4.38
C PHE A 494 24.17 12.74 5.89
N GLY A 495 23.81 13.83 6.56
CA GLY A 495 23.61 13.76 8.01
C GLY A 495 22.53 12.78 8.43
N PHE A 496 21.38 12.80 7.73
CA PHE A 496 20.25 11.98 8.14
C PHE A 496 20.51 10.48 8.02
N ILE A 497 21.56 10.09 7.28
CA ILE A 497 21.83 8.68 7.00
C ILE A 497 21.98 7.88 8.28
N TRP A 498 22.62 8.46 9.28
CA TRP A 498 22.88 7.73 10.51
C TRP A 498 21.57 7.28 11.17
N LEU A 499 20.57 8.16 11.20
CA LEU A 499 19.27 7.86 11.81
C LEU A 499 18.47 6.83 11.03
N VAL A 500 18.43 6.94 9.69
CA VAL A 500 17.66 5.97 8.92
C VAL A 500 18.24 4.59 9.16
N LEU A 501 19.57 4.51 9.20
CA LEU A 501 20.25 3.23 9.37
C LEU A 501 20.01 2.69 10.78
N SER A 502 20.00 3.56 11.79
CA SER A 502 19.69 3.12 13.14
C SER A 502 18.25 2.63 13.25
N SER A 503 17.30 3.36 12.65
CA SER A 503 15.90 2.93 12.67
C SER A 503 15.74 1.65 11.89
N THR A 504 16.45 1.55 10.76
CA THR A 504 16.34 0.34 9.96
C THR A 504 16.92 -0.87 10.68
N VAL A 505 18.07 -0.70 11.34
CA VAL A 505 18.64 -1.82 12.10
C VAL A 505 17.64 -2.29 13.15
N ARG A 506 17.03 -1.35 13.86
CA ARG A 506 16.15 -1.69 14.97
C ARG A 506 14.83 -2.30 14.47
N ALA A 507 14.25 -1.74 13.39
CA ALA A 507 13.02 -2.30 12.82
C ALA A 507 13.21 -3.74 12.38
N TYR A 508 14.32 -4.04 11.72
CA TYR A 508 14.52 -5.40 11.23
C TYR A 508 14.80 -6.38 12.37
N ALA A 509 15.63 -5.99 13.36
CA ALA A 509 15.82 -6.84 14.53
C ALA A 509 14.49 -7.13 15.24
N SER A 510 13.63 -6.12 15.33
CA SER A 510 12.32 -6.28 15.96
C SER A 510 11.43 -7.24 15.17
N ARG A 511 11.49 -7.20 13.84
CA ARG A 511 10.74 -8.17 13.04
C ARG A 511 11.26 -9.58 13.26
N ALA A 512 12.58 -9.77 13.26
CA ALA A 512 13.14 -11.09 13.50
C ALA A 512 12.79 -11.60 14.90
N PHE A 513 12.92 -10.72 15.90
CA PHE A 513 12.64 -11.10 17.28
C PHE A 513 11.20 -11.61 17.44
N LYS A 514 10.24 -10.93 16.81
CA LYS A 514 8.86 -11.38 16.93
C LYS A 514 8.64 -12.74 16.26
N LYS A 515 9.23 -12.94 15.09
CA LYS A 515 9.09 -14.22 14.42
C LYS A 515 9.70 -15.35 15.26
N ILE A 516 10.85 -15.08 15.88
CA ILE A 516 11.52 -16.07 16.72
C ILE A 516 10.63 -16.45 17.89
N VAL A 517 9.99 -15.46 18.53
CA VAL A 517 9.07 -15.76 19.63
C VAL A 517 7.87 -16.56 19.13
N THR A 518 7.32 -16.16 17.99
CA THR A 518 6.11 -16.83 17.51
C THR A 518 6.36 -18.30 17.22
N TYR A 519 7.53 -18.62 16.66
CA TYR A 519 7.85 -19.96 16.18
C TYR A 519 8.85 -20.68 17.08
N LYS A 520 8.86 -20.30 18.35
CA LYS A 520 9.72 -20.93 19.33
C LYS A 520 9.43 -22.42 19.46
N GLY A 521 10.50 -23.20 19.63
CA GLY A 521 10.37 -24.62 19.84
C GLY A 521 11.43 -25.14 20.77
N GLY A 522 11.63 -26.46 20.77
CA GLY A 522 12.49 -27.10 21.77
C GLY A 522 13.96 -26.72 21.70
N LYS A 523 14.42 -26.17 20.58
CA LYS A 523 15.83 -25.82 20.46
C LYS A 523 16.10 -24.39 20.91
N TYR A 524 15.06 -23.67 21.32
CA TYR A 524 15.24 -22.32 21.81
C TYR A 524 16.02 -22.33 23.12
N ARG A 525 17.06 -21.50 23.20
CA ARG A 525 17.80 -21.29 24.45
C ARG A 525 17.57 -19.88 24.98
N LYS A 526 18.00 -18.88 24.20
CA LYS A 526 17.86 -17.48 24.57
C LYS A 526 18.23 -16.64 23.37
N VAL A 527 17.30 -15.82 22.89
CA VAL A 527 17.60 -14.88 21.83
C VAL A 527 17.29 -13.49 22.36
N THR A 528 18.27 -12.61 22.33
CA THR A 528 18.07 -11.26 22.82
C THR A 528 17.93 -10.29 21.65
N PHE A 529 17.16 -9.24 21.90
CA PHE A 529 17.07 -8.13 20.94
C PHE A 529 18.44 -7.53 20.67
N GLN A 530 19.25 -7.35 21.71
CA GLN A 530 20.58 -6.75 21.57
C GLN A 530 21.47 -7.59 20.66
N CYS A 531 21.48 -8.91 20.83
CA CYS A 531 22.28 -9.75 19.95
C CYS A 531 21.82 -9.62 18.50
N LEU A 532 20.51 -9.51 18.26
CA LEU A 532 20.04 -9.33 16.89
C LEU A 532 20.45 -7.97 16.32
N LYS A 533 20.35 -6.90 17.10
CA LYS A 533 20.83 -5.60 16.64
C LYS A 533 22.30 -5.67 16.22
N SER A 534 23.14 -6.32 17.05
CA SER A 534 24.56 -6.41 16.76
C SER A 534 24.81 -7.15 15.44
N ILE A 535 24.09 -8.25 15.22
CA ILE A 535 24.20 -8.98 13.95
C ILE A 535 23.79 -8.10 12.77
N ALA A 536 22.70 -7.35 12.91
CA ALA A 536 22.28 -6.48 11.82
C ALA A 536 23.34 -5.42 11.53
N TRP A 537 23.92 -4.80 12.57
CA TRP A 537 25.00 -3.84 12.35
C TRP A 537 26.19 -4.47 11.64
N ARG A 538 26.56 -5.70 12.04
CA ARG A 538 27.69 -6.37 11.40
C ARG A 538 27.40 -6.71 9.94
N ALA A 539 26.15 -7.04 9.60
CA ALA A 539 25.81 -7.20 8.18
C ALA A 539 26.05 -5.92 7.38
N PHE A 540 25.62 -4.77 7.93
CA PHE A 540 25.88 -3.50 7.26
C PHE A 540 27.37 -3.23 7.16
N LEU A 541 28.12 -3.48 8.25
CA LEU A 541 29.57 -3.26 8.19
C LEU A 541 30.20 -4.12 7.11
N ALA A 542 29.81 -5.40 7.02
CA ALA A 542 30.39 -6.29 6.00
C ALA A 542 30.13 -5.75 4.59
N VAL A 543 28.96 -5.19 4.34
CA VAL A 543 28.69 -4.66 3.02
C VAL A 543 29.35 -3.29 2.83
N LEU A 544 29.22 -2.39 3.82
CA LEU A 544 29.80 -1.05 3.69
C LEU A 544 31.30 -1.12 3.49
N LYS A 545 31.96 -2.14 4.04
CA LYS A 545 33.41 -2.23 3.88
C LYS A 545 33.83 -2.52 2.45
N ARG A 546 32.89 -2.86 1.56
CA ARG A 546 33.26 -2.99 0.16
C ARG A 546 33.55 -1.64 -0.50
N ARG A 547 33.08 -0.52 0.09
CA ARG A 547 33.49 0.83 -0.35
C ARG A 547 33.93 1.61 0.88
N THR A 548 35.14 1.35 1.36
CA THR A 548 35.56 1.98 2.61
C THR A 548 35.92 3.43 2.43
N GLU A 549 36.25 3.86 1.21
CA GLU A 549 36.51 5.28 0.96
C GLU A 549 35.22 6.09 1.08
N ILE A 550 34.14 5.60 0.48
CA ILE A 550 32.86 6.30 0.49
C ILE A 550 32.24 6.25 1.88
N TYR A 551 32.32 5.10 2.56
CA TYR A 551 31.62 4.89 3.81
C TYR A 551 32.52 4.98 5.04
N LYS A 552 33.72 5.57 4.91
CA LYS A 552 34.66 5.57 6.03
C LYS A 552 34.04 6.18 7.28
N GLY A 553 33.42 7.35 7.15
CA GLY A 553 32.84 8.00 8.31
C GLY A 553 31.67 7.22 8.88
N LEU A 554 30.87 6.61 7.99
CA LEU A 554 29.76 5.79 8.44
C LEU A 554 30.24 4.53 9.16
N ILE A 555 31.24 3.86 8.60
CA ILE A 555 31.83 2.69 9.24
C ILE A 555 32.40 3.07 10.59
N ASP A 556 32.97 4.26 10.69
CA ASP A 556 33.61 4.67 11.92
C ASP A 556 32.59 4.96 13.03
N ARG A 557 31.44 5.58 12.70
CA ARG A 557 30.42 5.72 13.75
C ARG A 557 29.92 4.39 14.21
N ILE A 558 29.69 3.47 13.27
CA ILE A 558 29.15 2.18 13.67
C ILE A 558 30.05 1.58 14.72
N LYS A 559 31.36 1.57 14.46
CA LYS A 559 32.28 0.95 15.42
C LYS A 559 32.43 1.76 16.71
N SER A 560 32.34 3.09 16.66
CA SER A 560 32.48 3.83 17.90
C SER A 560 31.16 4.02 18.66
N ARG A 561 30.01 3.96 17.99
CA ARG A 561 28.75 4.25 18.66
C ARG A 561 27.97 3.01 19.07
N GLU A 562 28.10 1.90 18.34
CA GLU A 562 27.25 0.73 18.52
C GLU A 562 28.02 -0.39 19.22
N LYS A 563 27.30 -1.15 20.05
CA LYS A 563 27.87 -2.37 20.61
C LYS A 563 27.76 -3.44 19.53
N LEU A 564 28.88 -4.04 19.20
CA LEU A 564 28.90 -5.12 18.23
C LEU A 564 29.13 -6.46 18.90
N THR A 565 29.08 -6.49 20.22
CA THR A 565 29.22 -7.74 20.96
C THR A 565 27.99 -8.61 20.75
N MET A 566 28.22 -9.92 20.65
CA MET A 566 27.14 -10.86 20.33
C MET A 566 27.08 -11.95 21.39
N LYS A 567 26.10 -11.83 22.29
CA LYS A 567 25.89 -12.88 23.33
C LYS A 567 24.89 -13.88 22.74
N PHE A 568 25.38 -14.89 22.03
CA PHE A 568 24.54 -15.86 21.33
C PHE A 568 23.77 -16.76 22.28
N HIS A 569 24.29 -16.98 23.48
CA HIS A 569 23.71 -17.87 24.49
C HIS A 569 23.60 -19.30 23.94
N ASP A 570 24.55 -19.67 23.08
CA ASP A 570 24.58 -20.99 22.47
C ASP A 570 26.01 -21.24 22.00
N GLY A 571 26.72 -22.14 22.67
CA GLY A 571 28.10 -22.46 22.33
C GLY A 571 28.30 -23.09 20.96
N GLU A 572 27.25 -23.53 20.29
CA GLU A 572 27.43 -24.05 18.94
C GLU A 572 27.49 -22.95 17.88
N VAL A 573 27.15 -21.70 18.21
CA VAL A 573 27.22 -20.59 17.26
C VAL A 573 28.67 -20.17 17.08
N ASP A 574 29.09 -19.99 15.82
CA ASP A 574 30.45 -19.55 15.51
C ASP A 574 30.42 -18.06 15.18
N ALA A 575 31.12 -17.28 16.00
CA ALA A 575 31.13 -15.82 15.86
C ALA A 575 31.73 -15.38 14.54
N SER A 576 32.71 -16.10 14.01
CA SER A 576 33.42 -15.63 12.82
C SER A 576 32.52 -15.55 11.60
N TYR A 577 31.38 -16.25 11.60
CA TYR A 577 30.48 -16.12 10.47
C TYR A 577 29.95 -14.69 10.35
N PHE A 578 29.87 -13.96 11.47
CA PHE A 578 29.27 -12.63 11.50
C PHE A 578 30.28 -11.50 11.35
N CYS A 579 31.53 -11.82 11.05
CA CYS A 579 32.59 -10.82 10.89
C CYS A 579 33.05 -10.66 9.46
N LYS A 580 32.37 -11.35 8.52
CA LYS A 580 32.82 -11.31 7.11
C LYS A 580 31.65 -11.62 6.19
N LEU A 581 31.71 -11.15 4.94
CA LEU A 581 30.67 -11.47 3.98
C LEU A 581 30.60 -12.98 3.80
N PRO A 582 29.43 -13.58 3.90
CA PRO A 582 29.31 -15.00 3.51
C PRO A 582 29.71 -15.15 2.05
N GLU A 583 30.22 -16.35 1.73
CA GLU A 583 30.86 -16.57 0.43
C GLU A 583 29.89 -16.33 -0.74
N LYS A 584 28.65 -16.76 -0.61
CA LYS A 584 27.66 -16.50 -1.66
C LYS A 584 27.54 -15.01 -1.95
N PHE A 585 27.74 -14.17 -0.94
CA PHE A 585 27.56 -12.73 -1.07
C PHE A 585 28.85 -11.99 -1.34
N ARG A 586 29.99 -12.67 -1.31
CA ARG A 586 31.26 -12.00 -1.38
C ARG A 586 31.64 -11.63 -2.82
N PHE A 587 31.07 -12.30 -3.82
CA PHE A 587 31.51 -12.18 -5.20
C PHE A 587 30.53 -11.41 -6.08
N VAL A 588 29.42 -10.91 -5.54
CA VAL A 588 28.47 -10.16 -6.36
C VAL A 588 29.12 -8.86 -6.83
N LYS A 589 28.81 -8.47 -8.06
CA LYS A 589 29.35 -7.25 -8.61
C LYS A 589 28.59 -6.07 -8.05
N ILE A 590 29.32 -5.02 -7.65
CA ILE A 590 28.71 -3.82 -7.12
C ILE A 590 29.07 -2.57 -7.91
N ASN A 591 29.86 -2.70 -8.97
CA ASN A 591 30.21 -1.57 -9.83
C ASN A 591 29.58 -1.81 -11.20
N ARG A 592 28.88 -0.82 -11.73
CA ARG A 592 28.25 -0.95 -13.03
C ARG A 592 29.15 -0.34 -14.10
N LYS A 593 29.34 -1.07 -15.19
CA LYS A 593 30.17 -0.62 -16.28
C LYS A 593 29.58 -1.23 -17.55
N ALA A 594 29.39 -0.38 -18.56
CA ALA A 594 28.83 -0.82 -19.84
C ALA A 594 29.79 -1.73 -20.58
N SER A 595 29.24 -2.75 -21.23
CA SER A 595 30.03 -3.65 -22.06
C SER A 595 29.68 -3.58 -23.55
N ILE A 596 28.64 -2.85 -23.93
CA ILE A 596 28.18 -2.82 -25.33
C ILE A 596 28.39 -1.47 -26.04
N MET D 1 -11.17 -18.87 9.88
CA MET D 1 -10.54 -17.67 9.32
C MET D 1 -11.30 -16.39 9.66
N VAL D 2 -12.59 -16.50 9.95
CA VAL D 2 -13.39 -15.33 10.29
C VAL D 2 -13.37 -15.20 11.81
N HIS D 3 -12.68 -14.15 12.29
CA HIS D 3 -12.57 -13.90 13.72
C HIS D 3 -13.54 -12.84 14.23
N TYR D 4 -13.96 -11.94 13.37
CA TYR D 4 -14.66 -10.73 13.79
C TYR D 4 -16.17 -10.91 13.65
N TYR D 5 -16.89 -10.23 14.53
CA TYR D 5 -18.31 -9.97 14.38
C TYR D 5 -18.47 -8.47 14.16
N ARG D 6 -19.05 -8.09 13.04
N ARG D 6 -19.06 -8.08 13.04
CA ARG D 6 -19.34 -6.68 12.76
CA ARG D 6 -19.30 -6.67 12.76
C ARG D 6 -20.37 -6.15 13.74
C ARG D 6 -20.38 -6.14 13.68
N LEU D 7 -20.16 -4.92 14.22
CA LEU D 7 -21.15 -4.28 15.07
C LEU D 7 -22.25 -3.60 14.25
N SER D 8 -22.06 -3.45 12.94
CA SER D 8 -22.96 -2.66 12.13
C SER D 8 -24.35 -3.28 12.15
N LEU D 9 -25.35 -2.41 12.08
CA LEU D 9 -26.70 -2.90 11.98
C LEU D 9 -27.00 -3.60 10.67
N LYS D 10 -26.21 -3.46 9.56
CA LYS D 10 -26.70 -4.11 8.31
C LYS D 10 -26.82 -5.62 8.55
N SER D 11 -25.97 -6.25 9.41
CA SER D 11 -26.03 -7.73 9.36
C SER D 11 -27.32 -8.30 9.98
N ARG D 12 -28.26 -7.46 10.39
CA ARG D 12 -29.47 -7.97 11.01
C ARG D 12 -30.24 -8.86 10.04
N GLN D 13 -31.14 -9.68 10.59
CA GLN D 13 -31.90 -10.64 9.79
C GLN D 13 -33.36 -10.64 10.21
N LYS D 14 -34.19 -11.09 9.29
CA LYS D 14 -35.61 -11.24 9.56
C LYS D 14 -35.81 -12.42 10.49
N ALA D 15 -36.38 -12.16 11.66
CA ALA D 15 -36.58 -13.22 12.64
C ALA D 15 -37.73 -14.12 12.21
N PRO D 16 -37.64 -15.41 12.51
CA PRO D 16 -38.77 -16.30 12.30
C PRO D 16 -39.73 -16.22 13.48
N LYS D 17 -40.90 -16.88 13.32
CA LYS D 17 -41.83 -17.02 14.42
C LYS D 17 -41.28 -17.94 15.50
N ILE D 18 -40.74 -19.10 15.10
CA ILE D 18 -40.09 -20.04 16.00
C ILE D 18 -38.84 -20.60 15.33
N VAL D 19 -38.05 -21.33 16.11
CA VAL D 19 -36.83 -21.99 15.55
C VAL D 19 -37.09 -23.50 15.51
N ASN D 20 -37.37 -24.04 14.32
CA ASN D 20 -37.63 -25.49 14.18
C ASN D 20 -36.29 -26.19 13.90
N SER D 21 -35.20 -25.44 13.89
CA SER D 21 -33.86 -26.00 13.58
C SER D 21 -33.20 -26.56 14.84
N LYS D 22 -31.89 -26.78 14.78
CA LYS D 22 -31.13 -27.35 15.94
C LYS D 22 -31.17 -26.35 17.10
N TYR D 23 -31.53 -25.10 16.82
CA TYR D 23 -31.56 -24.05 17.87
C TYR D 23 -32.49 -24.50 19.01
N ASN D 24 -32.06 -24.28 20.26
CA ASN D 24 -32.84 -24.72 21.45
C ASN D 24 -34.19 -24.02 21.51
N SER D 25 -35.16 -24.67 22.18
CA SER D 25 -36.50 -24.10 22.32
C SER D 25 -36.52 -22.80 23.10
N ILE D 26 -35.41 -22.45 23.74
CA ILE D 26 -35.37 -21.28 24.58
C ILE D 26 -35.53 -20.00 23.75
N LEU D 27 -35.12 -20.02 22.48
CA LEU D 27 -35.19 -18.83 21.64
C LEU D 27 -36.62 -18.44 21.34
N ASN D 28 -37.52 -19.43 21.36
CA ASN D 28 -38.93 -19.24 21.02
C ASN D 28 -39.60 -18.24 21.94
N ILE D 29 -39.17 -18.21 23.20
CA ILE D 29 -39.74 -17.34 24.21
C ILE D 29 -39.38 -15.88 23.92
N ALA D 30 -38.11 -15.62 23.63
CA ALA D 30 -37.66 -14.27 23.31
C ALA D 30 -38.29 -13.78 22.01
N LEU D 31 -38.45 -14.68 21.04
CA LEU D 31 -39.12 -14.31 19.79
C LEU D 31 -40.54 -13.80 20.05
N LYS D 32 -41.29 -14.48 20.92
CA LYS D 32 -42.63 -14.01 21.26
C LYS D 32 -42.57 -12.62 21.90
N ASN D 33 -41.65 -12.43 22.86
CA ASN D 33 -41.53 -11.14 23.51
C ASN D 33 -41.07 -10.07 22.54
N PHE D 34 -40.31 -10.46 21.52
CA PHE D 34 -39.78 -9.50 20.56
C PHE D 34 -40.89 -8.83 19.76
N ARG D 35 -41.84 -9.61 19.24
CA ARG D 35 -42.97 -9.05 18.50
C ARG D 35 -43.83 -8.16 19.40
N LEU D 36 -44.08 -8.64 20.61
CA LEU D 36 -44.89 -7.89 21.57
C LEU D 36 -44.26 -6.54 21.92
N CYS D 37 -42.93 -6.44 21.91
CA CYS D 37 -42.29 -5.16 22.22
C CYS D 37 -42.47 -4.14 21.11
N LYS D 38 -42.40 -4.57 19.84
CA LYS D 38 -42.57 -3.64 18.73
C LYS D 38 -44.02 -3.20 18.57
N LYS D 39 -44.98 -4.08 18.85
CA LYS D 39 -46.37 -3.71 18.61
C LYS D 39 -46.80 -2.59 19.53
N HIS D 40 -46.01 -2.34 20.58
CA HIS D 40 -46.29 -1.36 21.60
C HIS D 40 -45.38 -0.15 21.48
N LYS D 41 -44.86 0.10 20.27
CA LYS D 41 -43.93 1.24 20.07
C LYS D 41 -44.69 2.56 20.24
N THR D 42 -44.22 3.44 21.12
CA THR D 42 -44.86 4.77 21.32
C THR D 42 -43.79 5.87 21.28
N LYS D 43 -44.20 7.12 21.06
CA LYS D 43 -43.23 8.24 20.92
C LYS D 43 -42.33 8.42 22.14
N LYS D 44 -42.80 8.11 23.36
CA LYS D 44 -41.99 8.37 24.54
C LYS D 44 -40.65 7.63 24.43
N PRO D 45 -39.58 8.21 24.98
CA PRO D 45 -38.24 7.64 24.77
C PRO D 45 -38.09 6.25 25.39
N VAL D 46 -37.23 5.45 24.77
CA VAL D 46 -37.00 4.07 25.20
C VAL D 46 -35.53 3.90 25.56
N GLN D 47 -35.27 2.96 26.46
CA GLN D 47 -33.92 2.47 26.75
C GLN D 47 -33.81 1.08 26.16
N ILE D 48 -32.89 0.90 25.21
CA ILE D 48 -32.84 -0.38 24.50
C ILE D 48 -32.55 -1.52 25.46
N LEU D 49 -31.59 -1.32 26.36
CA LEU D 49 -31.18 -2.39 27.26
C LEU D 49 -32.32 -2.81 28.20
N ALA D 50 -33.17 -1.87 28.62
CA ALA D 50 -34.32 -2.24 29.44
C ALA D 50 -35.28 -3.16 28.68
N LEU D 51 -35.55 -2.87 27.41
CA LEU D 51 -36.42 -3.72 26.60
C LEU D 51 -35.83 -5.11 26.44
N LEU D 52 -34.52 -5.18 26.17
CA LEU D 52 -33.82 -6.47 26.07
C LEU D 52 -34.08 -7.34 27.31
N GLN D 53 -34.13 -6.74 28.50
CA GLN D 53 -34.40 -7.49 29.71
C GLN D 53 -35.82 -8.04 29.72
N GLU D 54 -36.75 -7.35 29.06
CA GLU D 54 -38.11 -7.86 28.88
C GLU D 54 -38.23 -8.86 27.74
N ILE D 55 -37.24 -8.92 26.85
CA ILE D 55 -37.27 -9.84 25.72
C ILE D 55 -36.62 -11.17 26.07
N ILE D 56 -35.39 -11.11 26.58
CA ILE D 56 -34.59 -12.31 26.84
C ILE D 56 -34.75 -12.66 28.32
N PRO D 57 -35.30 -13.83 28.64
CA PRO D 57 -35.46 -14.18 30.06
C PRO D 57 -34.11 -14.35 30.73
N LYS D 58 -34.09 -14.08 32.04
CA LYS D 58 -32.89 -14.32 32.84
C LYS D 58 -32.41 -15.76 32.69
N SER D 59 -33.35 -16.70 32.57
CA SER D 59 -32.99 -18.12 32.46
C SER D 59 -32.16 -18.43 31.21
N TYR D 60 -32.14 -17.54 30.21
CA TYR D 60 -31.27 -17.80 29.06
C TYR D 60 -29.81 -17.79 29.47
N PHE D 61 -29.43 -16.90 30.40
CA PHE D 61 -28.04 -16.72 30.79
C PHE D 61 -27.66 -17.50 32.05
N GLY D 62 -28.61 -17.72 32.95
CA GLY D 62 -28.36 -18.44 34.18
C GLY D 62 -27.89 -17.55 35.31
N THR D 63 -26.65 -17.06 35.22
CA THR D 63 -26.09 -16.15 36.22
C THR D 63 -25.96 -14.74 35.67
N THR D 64 -25.84 -13.79 36.59
CA THR D 64 -25.68 -12.39 36.22
C THR D 64 -24.33 -12.13 35.55
N THR D 65 -23.31 -12.93 35.88
CA THR D 65 -22.00 -12.76 35.23
C THR D 65 -22.07 -13.17 33.77
N ASN D 66 -22.96 -14.10 33.44
CA ASN D 66 -23.15 -14.49 32.01
C ASN D 66 -23.97 -13.41 31.31
N LEU D 67 -24.98 -12.86 31.99
CA LEU D 67 -25.85 -11.81 31.40
C LEU D 67 -25.00 -10.58 31.08
N LYS D 68 -24.09 -10.22 31.98
CA LYS D 68 -23.25 -9.01 31.79
C LYS D 68 -22.40 -9.19 30.53
N ARG D 69 -21.85 -10.38 30.32
CA ARG D 69 -20.99 -10.65 29.13
C ARG D 69 -21.76 -10.29 27.86
N PHE D 70 -23.04 -10.70 27.78
CA PHE D 70 -23.85 -10.45 26.55
C PHE D 70 -24.20 -8.97 26.43
N TYR D 71 -24.71 -8.35 27.50
CA TYR D 71 -25.14 -6.97 27.43
C TYR D 71 -23.97 -6.00 27.24
N LYS D 72 -22.76 -6.38 27.69
CA LYS D 72 -21.59 -5.58 27.33
C LYS D 72 -21.42 -5.52 25.82
N VAL D 73 -21.68 -6.63 25.13
CA VAL D 73 -21.62 -6.64 23.66
C VAL D 73 -22.71 -5.75 23.08
N VAL D 74 -23.93 -5.83 23.61
CA VAL D 74 -25.02 -4.99 23.10
C VAL D 74 -24.68 -3.52 23.26
N GLU D 75 -24.09 -3.16 24.40
CA GLU D 75 -23.75 -1.76 24.67
C GLU D 75 -22.74 -1.22 23.66
N LYS D 76 -21.80 -2.06 23.21
CA LYS D 76 -20.89 -1.65 22.14
C LYS D 76 -21.63 -1.38 20.84
N ILE D 77 -22.65 -2.19 20.53
CA ILE D 77 -23.45 -1.93 19.35
C ILE D 77 -24.12 -0.56 19.46
N LEU D 78 -24.70 -0.27 20.63
CA LEU D 78 -25.38 0.99 20.86
C LEU D 78 -24.45 2.20 20.83
N THR D 79 -23.12 1.99 20.87
CA THR D 79 -22.14 3.07 20.88
C THR D 79 -21.10 2.92 19.78
N GLN D 80 -21.39 2.16 18.72
CA GLN D 80 -20.40 1.74 17.76
C GLN D 80 -19.85 2.92 16.92
N SER D 81 -18.64 2.72 16.40
CA SER D 81 -18.10 3.52 15.31
C SER D 81 -18.32 2.79 14.00
N SER D 82 -18.26 3.53 12.90
CA SER D 82 -18.29 2.90 11.60
C SER D 82 -17.15 1.90 11.51
N PHE D 83 -17.46 0.71 10.99
CA PHE D 83 -16.53 -0.40 10.78
C PHE D 83 -16.11 -1.12 12.05
N GLU D 84 -16.62 -0.75 13.22
CA GLU D 84 -16.15 -1.40 14.45
C GLU D 84 -16.62 -2.86 14.53
N CYS D 85 -15.73 -3.71 15.04
CA CYS D 85 -15.96 -5.14 15.23
C CYS D 85 -15.61 -5.53 16.66
N ILE D 86 -15.97 -6.77 17.02
CA ILE D 86 -15.47 -7.46 18.19
C ILE D 86 -15.08 -8.88 17.74
N HIS D 87 -14.34 -9.59 18.60
CA HIS D 87 -14.07 -10.99 18.31
C HIS D 87 -15.32 -11.83 18.53
N LEU D 88 -15.52 -12.81 17.64
CA LEU D 88 -16.60 -13.76 17.85
C LEU D 88 -16.42 -14.50 19.17
N SER D 89 -15.17 -14.72 19.59
CA SER D 89 -14.92 -15.48 20.81
C SER D 89 -15.44 -14.78 22.07
N VAL D 90 -15.64 -13.47 22.01
CA VAL D 90 -16.24 -12.75 23.13
C VAL D 90 -17.64 -13.29 23.44
N LEU D 91 -18.30 -13.88 22.46
CA LEU D 91 -19.64 -14.44 22.65
C LEU D 91 -19.66 -15.81 23.34
N HIS D 92 -18.50 -16.45 23.59
CA HIS D 92 -18.48 -17.71 24.34
C HIS D 92 -17.34 -17.90 25.33
N LYS D 93 -16.23 -17.15 25.26
CA LYS D 93 -15.08 -17.39 26.15
C LYS D 93 -15.42 -16.94 27.56
N CYS D 94 -15.00 -17.71 28.57
CA CYS D 94 -15.15 -17.40 29.99
C CYS D 94 -16.62 -17.34 30.44
N TYR D 95 -17.57 -17.85 29.64
CA TYR D 95 -18.94 -17.95 30.14
C TYR D 95 -18.98 -19.05 31.19
N ASP D 96 -19.89 -18.91 32.14
CA ASP D 96 -20.13 -19.92 33.19
C ASP D 96 -21.03 -20.99 32.60
N TYR D 97 -20.43 -22.00 31.98
CA TYR D 97 -21.22 -23.00 31.27
C TYR D 97 -22.04 -23.88 32.21
N ASP D 98 -21.59 -24.02 33.46
CA ASP D 98 -22.32 -24.85 34.41
C ASP D 98 -23.68 -24.27 34.78
N ALA D 99 -23.88 -22.96 34.62
CA ALA D 99 -25.07 -22.29 35.12
C ALA D 99 -26.09 -21.94 34.03
N ILE D 100 -25.82 -22.23 32.78
CA ILE D 100 -26.76 -21.98 31.68
C ILE D 100 -27.71 -23.16 31.63
N PRO D 101 -28.96 -23.03 32.09
CA PRO D 101 -29.81 -24.22 32.30
C PRO D 101 -30.13 -25.02 31.05
N TRP D 102 -30.32 -24.36 29.91
CA TRP D 102 -30.76 -25.10 28.73
C TRP D 102 -29.63 -25.85 28.04
N LEU D 103 -28.40 -25.70 28.52
CA LEU D 103 -27.26 -26.50 28.09
C LEU D 103 -26.94 -27.63 29.04
N GLN D 104 -27.72 -27.79 30.11
CA GLN D 104 -27.33 -28.78 31.12
C GLN D 104 -27.51 -30.21 30.66
N ASN D 105 -28.21 -30.46 29.53
CA ASN D 105 -28.26 -31.82 29.00
C ASN D 105 -27.22 -32.06 27.93
N VAL D 106 -26.67 -31.00 27.33
CA VAL D 106 -25.61 -31.18 26.36
C VAL D 106 -24.31 -31.37 27.14
N GLU D 107 -23.40 -32.16 26.56
CA GLU D 107 -22.14 -32.44 27.19
C GLU D 107 -21.30 -31.18 27.27
N PRO D 108 -20.33 -31.12 28.20
CA PRO D 108 -19.41 -29.98 28.23
C PRO D 108 -18.67 -29.78 26.93
N ASN D 109 -18.62 -30.82 26.10
CA ASN D 109 -17.91 -30.74 24.82
C ASN D 109 -18.51 -29.67 23.92
N LEU D 110 -19.83 -29.57 23.84
CA LEU D 110 -20.43 -28.80 22.77
C LEU D 110 -20.96 -27.46 23.27
N ARG D 111 -20.85 -27.18 24.56
CA ARG D 111 -21.51 -26.01 25.14
C ARG D 111 -21.05 -24.69 24.51
N PRO D 112 -19.75 -24.41 24.34
CA PRO D 112 -19.37 -23.10 23.78
C PRO D 112 -19.85 -22.88 22.35
N LYS D 113 -19.78 -23.90 21.49
CA LYS D 113 -20.16 -23.69 20.11
C LYS D 113 -21.67 -23.58 19.96
N LEU D 114 -22.44 -24.30 20.77
CA LEU D 114 -23.88 -24.10 20.77
C LEU D 114 -24.21 -22.70 21.29
N LEU D 115 -23.49 -22.25 22.33
CA LEU D 115 -23.74 -20.94 22.89
C LEU D 115 -23.39 -19.83 21.89
N LEU D 116 -22.28 -19.99 21.16
CA LEU D 116 -21.95 -19.02 20.13
C LEU D 116 -23.08 -18.91 19.11
N LYS D 117 -23.60 -20.05 18.66
CA LYS D 117 -24.66 -20.05 17.65
C LYS D 117 -25.92 -19.35 18.19
N HIS D 118 -26.26 -19.61 19.45
CA HIS D 118 -27.46 -19.03 20.02
C HIS D 118 -27.29 -17.55 20.28
N ASN D 119 -26.12 -17.15 20.78
CA ASN D 119 -25.86 -15.72 20.99
C ASN D 119 -25.92 -14.96 19.67
N LEU D 120 -25.35 -15.54 18.60
CA LEU D 120 -25.41 -14.91 17.29
C LEU D 120 -26.85 -14.75 16.83
N PHE D 121 -27.69 -15.75 17.07
CA PHE D 121 -29.09 -15.63 16.67
C PHE D 121 -29.77 -14.49 17.42
N LEU D 122 -29.51 -14.36 18.72
CA LEU D 122 -30.12 -13.27 19.48
C LEU D 122 -29.69 -11.93 18.92
N LEU D 123 -28.39 -11.79 18.64
CA LEU D 123 -27.88 -10.50 18.19
C LEU D 123 -28.39 -10.15 16.79
N ASP D 124 -28.38 -11.12 15.88
CA ASP D 124 -28.76 -10.85 14.48
C ASP D 124 -30.26 -10.82 14.26
N ASN D 125 -31.04 -11.54 15.08
CA ASN D 125 -32.47 -11.63 14.83
C ASN D 125 -33.31 -10.81 15.79
N ILE D 126 -32.75 -10.38 16.92
CA ILE D 126 -33.54 -9.65 17.90
C ILE D 126 -32.87 -8.33 18.26
N VAL D 127 -31.61 -8.40 18.71
CA VAL D 127 -30.95 -7.19 19.23
C VAL D 127 -30.84 -6.13 18.16
N LYS D 128 -30.11 -6.42 17.09
CA LYS D 128 -29.97 -5.43 16.03
C LYS D 128 -31.31 -5.06 15.40
N PRO D 129 -32.23 -6.00 15.12
CA PRO D 129 -33.55 -5.58 14.62
C PRO D 129 -34.28 -4.60 15.53
N ILE D 130 -34.25 -4.82 16.86
CA ILE D 130 -35.01 -3.90 17.72
C ILE D 130 -34.34 -2.54 17.77
N ILE D 131 -33.02 -2.48 17.68
CA ILE D 131 -32.35 -1.19 17.60
C ILE D 131 -32.75 -0.48 16.32
N ALA D 132 -32.67 -1.19 15.19
CA ALA D 132 -33.00 -0.58 13.90
C ALA D 132 -34.49 -0.24 13.81
N PHE D 133 -35.35 -0.97 14.52
CA PHE D 133 -36.77 -0.66 14.52
C PHE D 133 -37.04 0.70 15.14
N TYR D 134 -36.29 1.07 16.18
CA TYR D 134 -36.51 2.31 16.91
C TYR D 134 -35.64 3.45 16.42
N TYR D 135 -34.43 3.16 15.94
CA TYR D 135 -33.42 4.18 15.71
C TYR D 135 -32.87 4.11 14.28
N LYS D 136 -32.41 5.25 13.80
CA LYS D 136 -31.73 5.34 12.52
C LYS D 136 -30.27 5.68 12.73
N PRO D 137 -29.34 4.87 12.23
CA PRO D 137 -27.92 5.22 12.35
C PRO D 137 -27.52 6.26 11.31
N ILE D 138 -26.89 7.33 11.78
CA ILE D 138 -26.44 8.45 10.95
C ILE D 138 -24.93 8.56 11.07
N LYS D 139 -24.23 8.54 9.94
CA LYS D 139 -22.80 8.82 9.92
C LYS D 139 -22.65 10.34 9.87
N THR D 140 -22.03 10.92 10.90
CA THR D 140 -21.98 12.38 11.04
C THR D 140 -20.85 12.99 10.24
N LEU D 141 -19.92 12.16 9.81
CA LEU D 141 -18.79 12.38 8.94
C LEU D 141 -17.67 13.07 9.73
N ASN D 142 -17.81 13.21 11.05
CA ASN D 142 -16.69 13.59 11.90
C ASN D 142 -16.01 12.29 12.33
N GLY D 143 -14.96 11.91 11.59
CA GLY D 143 -14.35 10.60 11.79
C GLY D 143 -15.34 9.50 11.48
N HIS D 144 -15.30 8.44 12.30
CA HIS D 144 -16.20 7.30 12.12
C HIS D 144 -17.39 7.38 13.07
N GLU D 145 -17.71 8.57 13.57
CA GLU D 145 -18.82 8.73 14.51
C GLU D 145 -20.14 8.32 13.88
N ILE D 146 -20.95 7.61 14.68
CA ILE D 146 -22.33 7.27 14.36
C ILE D 146 -23.21 7.78 15.49
N LYS D 147 -24.30 8.46 15.14
CA LYS D 147 -25.34 8.85 16.09
C LYS D 147 -26.62 8.12 15.73
N PHE D 148 -27.27 7.52 16.73
CA PHE D 148 -28.55 6.85 16.54
C PHE D 148 -29.67 7.84 16.85
N ILE D 149 -30.55 8.03 15.88
CA ILE D 149 -31.64 8.98 15.99
C ILE D 149 -32.95 8.22 15.90
N ARG D 150 -33.88 8.58 16.78
CA ARG D 150 -35.24 8.02 16.70
C ARG D 150 -35.80 8.28 15.31
N LYS D 151 -36.38 7.23 14.72
CA LYS D 151 -36.85 7.32 13.35
C LYS D 151 -37.86 8.45 13.18
N GLU D 152 -38.78 8.57 14.14
CA GLU D 152 -39.76 9.66 14.10
C GLU D 152 -39.05 11.02 13.99
N GLU D 153 -37.99 11.20 14.77
CA GLU D 153 -37.27 12.48 14.80
C GLU D 153 -36.60 12.78 13.47
N TYR D 154 -35.93 11.80 12.85
CA TYR D 154 -35.28 12.04 11.57
C TYR D 154 -36.30 12.33 10.47
N ILE D 155 -37.40 11.58 10.45
CA ILE D 155 -38.40 11.69 9.39
C ILE D 155 -39.04 13.06 9.38
N SER D 156 -39.32 13.62 10.56
CA SER D 156 -39.85 14.98 10.63
C SER D 156 -38.81 15.99 10.15
N PHE D 157 -37.56 15.84 10.59
CA PHE D 157 -36.48 16.68 10.08
C PHE D 157 -36.35 16.55 8.57
N GLU D 158 -36.39 15.32 8.05
CA GLU D 158 -36.25 15.11 6.62
C GLU D 158 -37.42 15.73 5.85
N SER D 159 -38.65 15.59 6.38
CA SER D 159 -39.82 16.18 5.72
C SER D 159 -39.77 17.69 5.75
N LYS D 160 -39.30 18.24 6.88
CA LYS D 160 -39.13 19.68 7.00
C LYS D 160 -38.18 20.21 5.93
N VAL D 161 -37.06 19.51 5.73
CA VAL D 161 -36.11 19.93 4.70
C VAL D 161 -36.72 19.76 3.31
N PHE D 162 -37.35 18.60 3.07
CA PHE D 162 -37.89 18.30 1.75
C PHE D 162 -38.96 19.31 1.35
N HIS D 163 -39.85 19.67 2.27
CA HIS D 163 -40.88 20.65 1.95
C HIS D 163 -40.26 22.02 1.65
N LYS D 164 -39.25 22.41 2.42
CA LYS D 164 -38.50 23.64 2.15
C LYS D 164 -37.90 23.61 0.75
N LEU D 165 -37.16 22.54 0.43
CA LEU D 165 -36.52 22.41 -0.87
C LEU D 165 -37.52 22.51 -2.00
N LYS D 166 -38.71 21.97 -1.79
CA LYS D 166 -39.77 22.02 -2.78
C LYS D 166 -40.39 23.43 -2.88
N LYS D 167 -40.52 24.13 -1.75
CA LYS D 167 -41.14 25.47 -1.78
C LYS D 167 -40.29 26.46 -2.55
N MET D 168 -38.99 26.53 -2.24
CA MET D 168 -38.06 27.06 -3.22
C MET D 168 -38.02 26.07 -4.37
N LYS D 169 -37.59 26.51 -5.53
CA LYS D 169 -37.79 25.59 -6.65
C LYS D 169 -36.57 24.72 -6.90
N TYR D 170 -35.87 24.32 -5.81
CA TYR D 170 -34.68 23.48 -5.95
C TYR D 170 -35.02 22.05 -6.34
N LEU D 171 -36.19 21.57 -5.95
CA LEU D 171 -36.61 20.19 -6.19
C LEU D 171 -37.96 20.24 -6.88
N VAL D 172 -38.07 19.63 -8.06
CA VAL D 172 -39.32 19.66 -8.83
C VAL D 172 -39.71 18.24 -9.23
N GLU D 173 -40.91 17.82 -8.85
CA GLU D 173 -41.38 16.49 -9.19
C GLU D 173 -41.55 16.38 -10.71
N VAL D 174 -41.04 15.29 -11.28
CA VAL D 174 -41.23 15.00 -12.70
C VAL D 174 -41.96 13.67 -12.87
N GLN D 175 -42.20 13.27 -14.11
CA GLN D 175 -42.83 11.99 -14.41
C GLN D 175 -42.04 10.85 -13.77
N ASP D 176 -42.75 9.95 -13.11
CA ASP D 176 -42.09 8.88 -12.36
C ASP D 176 -41.40 7.87 -13.26
N GLU D 177 -41.59 7.95 -14.58
CA GLU D 177 -40.86 7.09 -15.51
C GLU D 177 -39.53 7.69 -15.96
N VAL D 178 -39.21 8.92 -15.56
CA VAL D 178 -37.85 9.42 -15.77
C VAL D 178 -36.87 8.66 -14.89
N LYS D 179 -35.74 8.26 -15.47
CA LYS D 179 -34.78 7.46 -14.72
C LYS D 179 -33.90 8.37 -13.86
N PRO D 180 -33.83 8.14 -12.56
CA PRO D 180 -32.97 8.96 -11.70
C PRO D 180 -31.56 8.41 -11.65
N ARG D 181 -30.61 9.30 -11.39
CA ARG D 181 -29.22 8.87 -11.32
C ARG D 181 -28.82 8.44 -9.93
N GLY D 182 -29.67 8.65 -8.93
CA GLY D 182 -29.32 8.29 -7.56
C GLY D 182 -30.45 8.66 -6.62
N VAL D 183 -30.16 8.52 -5.33
CA VAL D 183 -31.15 8.71 -4.27
C VAL D 183 -30.81 9.99 -3.51
N LEU D 184 -31.83 10.83 -3.28
CA LEU D 184 -31.64 12.00 -2.44
C LEU D 184 -31.53 11.58 -0.97
N ASN D 185 -30.48 12.02 -0.30
CA ASN D 185 -30.33 11.82 1.13
C ASN D 185 -30.16 13.19 1.78
N ILE D 186 -30.91 13.42 2.85
CA ILE D 186 -30.79 14.63 3.66
C ILE D 186 -29.97 14.26 4.89
N ILE D 187 -28.74 14.74 4.94
CA ILE D 187 -27.81 14.49 6.03
C ILE D 187 -27.89 15.66 7.00
N PRO D 188 -28.11 15.44 8.32
CA PRO D 188 -28.11 16.54 9.28
C PRO D 188 -26.74 17.20 9.51
N LYS D 189 -26.69 18.53 9.39
CA LYS D 189 -25.41 19.23 9.73
C LYS D 189 -25.56 19.74 11.16
N GLN D 190 -24.77 20.73 11.57
CA GLN D 190 -24.81 21.17 12.98
C GLN D 190 -26.21 21.71 13.29
N ASP D 191 -26.80 22.49 12.38
CA ASP D 191 -28.17 23.02 12.56
C ASP D 191 -28.79 23.06 11.16
N ASN D 192 -27.98 22.79 10.15
CA ASN D 192 -28.44 22.77 8.76
C ASN D 192 -28.60 21.33 8.29
N PHE D 193 -28.69 21.17 6.98
CA PHE D 193 -28.69 19.88 6.32
C PHE D 193 -27.66 19.95 5.21
N ARG D 194 -27.29 18.80 4.70
CA ARG D 194 -26.66 18.70 3.38
C ARG D 194 -27.53 17.76 2.54
N ALA D 195 -28.01 18.28 1.41
CA ALA D 195 -28.74 17.47 0.43
C ALA D 195 -27.72 16.87 -0.55
N ILE D 196 -27.62 15.55 -0.57
CA ILE D 196 -26.72 14.87 -1.48
C ILE D 196 -27.52 13.88 -2.31
N VAL D 197 -26.94 13.48 -3.43
CA VAL D 197 -27.41 12.31 -4.15
C VAL D 197 -26.45 11.17 -3.83
N SER D 198 -27.01 10.03 -3.43
CA SER D 198 -26.23 8.80 -3.33
C SER D 198 -26.24 8.16 -4.70
N ILE D 199 -25.13 8.24 -5.41
CA ILE D 199 -25.13 7.83 -6.81
C ILE D 199 -25.34 6.33 -6.91
N PHE D 200 -26.19 5.92 -7.83
CA PHE D 200 -26.34 4.50 -8.08
C PHE D 200 -25.02 3.97 -8.60
N PRO D 201 -24.50 2.89 -8.06
CA PRO D 201 -23.23 2.42 -8.60
C PRO D 201 -23.55 1.90 -9.98
N ASP D 202 -23.26 2.70 -11.00
CA ASP D 202 -23.37 2.26 -12.37
C ASP D 202 -21.89 2.25 -12.67
N SER D 203 -21.30 1.12 -12.35
CA SER D 203 -19.89 0.92 -12.15
C SER D 203 -19.20 0.62 -13.48
N ALA D 204 -19.99 0.52 -14.57
CA ALA D 204 -19.48 0.31 -15.92
C ALA D 204 -19.00 1.61 -16.61
N ARG D 205 -19.78 2.68 -16.49
CA ARG D 205 -19.42 3.98 -17.14
C ARG D 205 -18.41 4.73 -16.28
N LYS D 206 -17.97 4.13 -15.17
CA LYS D 206 -16.97 4.79 -14.30
C LYS D 206 -15.73 5.19 -15.12
N PRO D 207 -15.05 4.33 -15.92
CA PRO D 207 -13.88 4.79 -16.68
C PRO D 207 -14.15 6.02 -17.53
N PHE D 208 -15.33 6.12 -18.15
CA PHE D 208 -15.66 7.30 -18.96
C PHE D 208 -15.68 8.55 -18.09
N PHE D 209 -16.27 8.45 -16.90
CA PHE D 209 -16.28 9.59 -15.99
C PHE D 209 -14.87 10.00 -15.58
N LYS D 210 -14.00 9.04 -15.31
CA LYS D 210 -12.59 9.34 -15.05
C LYS D 210 -11.95 10.02 -16.26
N LEU D 211 -12.30 9.58 -17.46
CA LEU D 211 -11.78 10.23 -18.66
C LEU D 211 -12.20 11.70 -18.71
N LEU D 212 -13.48 11.98 -18.46
CA LEU D 212 -13.96 13.35 -18.52
C LEU D 212 -13.27 14.19 -17.45
N THR D 213 -13.19 13.67 -16.23
CA THR D 213 -12.55 14.40 -15.14
C THR D 213 -11.12 14.76 -15.47
N SER D 214 -10.37 13.80 -16.02
CA SER D 214 -8.99 14.11 -16.38
C SER D 214 -8.94 15.16 -17.49
N LYS D 215 -9.89 15.11 -18.43
CA LYS D 215 -9.91 16.13 -19.49
C LYS D 215 -10.15 17.52 -18.92
N ILE D 216 -11.08 17.64 -17.98
CA ILE D 216 -11.36 18.94 -17.37
C ILE D 216 -10.15 19.45 -16.59
N TYR D 217 -9.50 18.56 -15.84
CA TYR D 217 -8.30 18.96 -15.11
C TYR D 217 -7.16 19.36 -16.04
N LYS D 218 -7.07 18.76 -17.24
CA LYS D 218 -6.08 19.23 -18.20
C LYS D 218 -6.43 20.61 -18.78
N VAL D 219 -7.71 20.91 -18.94
CA VAL D 219 -8.10 22.26 -19.34
C VAL D 219 -7.65 23.27 -18.28
N LEU D 220 -7.88 22.95 -17.01
CA LEU D 220 -7.47 23.82 -15.91
C LEU D 220 -5.95 24.01 -15.92
N GLU D 221 -5.20 22.91 -16.04
CA GLU D 221 -3.75 22.99 -16.04
C GLU D 221 -3.22 23.86 -17.19
N GLU D 222 -3.88 23.80 -18.35
CA GLU D 222 -3.32 24.48 -19.52
C GLU D 222 -3.82 25.92 -19.71
N LYS D 223 -5.08 26.22 -19.35
CA LYS D 223 -5.72 27.49 -19.69
C LYS D 223 -5.90 28.45 -18.51
N TYR D 224 -5.55 28.04 -17.29
CA TYR D 224 -5.76 28.85 -16.08
C TYR D 224 -4.48 28.96 -15.28
N LYS D 225 -4.28 30.14 -14.67
CA LYS D 225 -3.12 30.36 -13.82
C LYS D 225 -3.09 29.33 -12.70
N THR D 226 -1.98 28.61 -12.60
CA THR D 226 -1.80 27.54 -11.61
C THR D 226 -1.29 28.15 -10.31
N SER D 227 -2.07 28.00 -9.25
CA SER D 227 -1.63 28.50 -7.96
C SER D 227 -0.46 27.66 -7.44
N GLY D 228 0.52 28.34 -6.84
CA GLY D 228 1.50 27.66 -6.03
C GLY D 228 0.83 26.88 -4.92
N SER D 229 1.58 25.99 -4.28
CA SER D 229 0.99 25.32 -3.16
C SER D 229 0.74 26.32 -2.04
N LEU D 230 -0.19 25.97 -1.15
CA LEU D 230 -0.42 26.77 0.04
C LEU D 230 0.88 26.99 0.80
N TYR D 231 1.71 25.96 0.89
CA TYR D 231 2.96 26.05 1.61
C TYR D 231 3.92 27.04 0.96
N THR D 232 4.08 26.93 -0.35
CA THR D 232 4.98 27.85 -1.05
C THR D 232 4.47 29.29 -0.95
N CYS D 233 3.15 29.49 -1.02
CA CYS D 233 2.58 30.83 -0.95
C CYS D 233 2.80 31.44 0.42
N TRP D 234 2.54 30.68 1.48
CA TRP D 234 2.75 31.19 2.83
C TRP D 234 4.23 31.45 3.07
N SER D 235 5.08 30.55 2.62
CA SER D 235 6.52 30.72 2.81
C SER D 235 7.02 32.00 2.12
N GLU D 236 6.65 32.21 0.86
CA GLU D 236 7.11 33.41 0.17
C GLU D 236 6.49 34.68 0.76
N PHE D 237 5.21 34.62 1.13
CA PHE D 237 4.54 35.82 1.65
C PHE D 237 5.11 36.24 3.01
N THR D 238 5.34 35.30 3.93
CA THR D 238 5.87 35.68 5.22
C THR D 238 7.30 36.18 5.11
N GLN D 239 8.10 35.53 4.26
CA GLN D 239 9.50 35.93 4.15
C GLN D 239 9.62 37.36 3.63
N LYS D 240 8.72 37.79 2.74
CA LYS D 240 8.87 39.11 2.12
C LYS D 240 8.14 40.23 2.84
N THR D 241 7.26 39.93 3.80
CA THR D 241 6.49 40.93 4.54
C THR D 241 7.14 41.19 5.89
N GLN D 242 7.40 42.47 6.23
CA GLN D 242 7.92 42.67 7.58
C GLN D 242 6.92 43.22 8.61
N GLY D 243 5.90 43.92 8.26
CA GLY D 243 5.06 44.41 9.33
C GLY D 243 4.08 43.38 9.86
N GLN D 244 3.07 43.89 10.57
CA GLN D 244 1.93 43.06 10.94
C GLN D 244 1.22 42.55 9.69
N ILE D 245 0.86 41.28 9.68
CA ILE D 245 0.02 40.75 8.62
C ILE D 245 -1.45 40.84 9.03
N TYR D 246 -2.29 41.28 8.10
CA TYR D 246 -3.74 41.27 8.25
C TYR D 246 -4.32 40.27 7.26
N GLY D 247 -5.47 39.69 7.59
CA GLY D 247 -6.00 38.64 6.73
C GLY D 247 -7.45 38.30 7.02
N ILE D 248 -8.03 37.54 6.08
CA ILE D 248 -9.41 37.11 6.20
C ILE D 248 -9.55 35.76 5.52
N LYS D 249 -10.33 34.88 6.12
CA LYS D 249 -10.77 33.68 5.46
C LYS D 249 -12.28 33.74 5.29
N VAL D 250 -12.77 33.46 4.08
CA VAL D 250 -14.20 33.45 3.83
C VAL D 250 -14.58 32.15 3.14
N ASP D 251 -15.84 31.74 3.36
CA ASP D 251 -16.42 30.51 2.81
C ASP D 251 -17.68 30.86 2.06
N ILE D 252 -17.83 30.34 0.85
CA ILE D 252 -19.03 30.61 0.07
C ILE D 252 -20.19 29.77 0.60
N ARG D 253 -21.35 30.38 0.76
CA ARG D 253 -22.51 29.63 1.21
C ARG D 253 -23.02 28.68 0.12
N ASP D 254 -23.27 27.41 0.48
CA ASP D 254 -23.94 26.43 -0.42
C ASP D 254 -23.28 26.42 -1.80
N ALA D 255 -21.98 26.13 -1.80
CA ALA D 255 -21.17 26.43 -2.98
C ALA D 255 -21.68 25.70 -4.22
N TYR D 256 -21.86 24.37 -4.16
CA TYR D 256 -22.32 23.68 -5.37
C TYR D 256 -23.70 24.17 -5.79
N GLY D 257 -24.57 24.45 -4.82
CA GLY D 257 -25.89 24.91 -5.16
C GLY D 257 -25.94 26.26 -5.86
N ASN D 258 -24.91 27.09 -5.68
CA ASN D 258 -24.88 28.43 -6.26
C ASN D 258 -24.02 28.53 -7.52
N VAL D 259 -23.48 27.41 -7.99
CA VAL D 259 -22.95 27.37 -9.35
C VAL D 259 -24.08 27.69 -10.32
N LYS D 260 -23.84 28.66 -11.21
CA LYS D 260 -24.85 29.03 -12.20
C LYS D 260 -24.74 28.07 -13.36
N ILE D 261 -25.69 27.14 -13.48
CA ILE D 261 -25.58 26.11 -14.52
C ILE D 261 -25.52 26.69 -15.92
N PRO D 262 -26.31 27.68 -16.31
CA PRO D 262 -26.16 28.22 -17.67
C PRO D 262 -24.80 28.80 -17.95
N VAL D 263 -24.16 29.42 -16.95
CA VAL D 263 -22.82 29.96 -17.14
C VAL D 263 -21.81 28.82 -17.30
N LEU D 264 -21.92 27.80 -16.45
CA LEU D 264 -21.04 26.64 -16.56
C LEU D 264 -21.18 25.94 -17.90
N CYS D 265 -22.43 25.80 -18.40
CA CYS D 265 -22.63 25.19 -19.72
C CYS D 265 -21.95 26.01 -20.80
N LYS D 266 -22.07 27.34 -20.73
CA LYS D 266 -21.40 28.21 -21.69
C LYS D 266 -19.90 28.09 -21.58
N LEU D 267 -19.37 28.00 -20.35
CA LEU D 267 -17.94 27.79 -20.17
C LEU D 267 -17.48 26.48 -20.80
N ILE D 268 -18.24 25.40 -20.56
CA ILE D 268 -17.88 24.09 -21.12
C ILE D 268 -17.90 24.12 -22.64
N GLN D 269 -18.92 24.75 -23.23
CA GLN D 269 -19.02 24.75 -24.69
C GLN D 269 -17.92 25.57 -25.34
N SER D 270 -17.26 26.45 -24.59
CA SER D 270 -16.19 27.31 -25.10
C SER D 270 -14.80 26.71 -24.89
N ILE D 271 -14.70 25.54 -24.28
CA ILE D 271 -13.40 24.87 -24.16
C ILE D 271 -12.87 24.56 -25.56
N PRO D 272 -11.60 24.84 -25.85
CA PRO D 272 -11.09 24.60 -27.21
C PRO D 272 -11.19 23.12 -27.57
N THR D 273 -11.51 22.87 -28.85
CA THR D 273 -11.99 21.55 -29.27
C THR D 273 -10.92 20.46 -29.11
N HIS D 274 -9.65 20.78 -29.36
CA HIS D 274 -8.57 19.80 -29.17
C HIS D 274 -8.38 19.40 -27.71
N LEU D 275 -8.98 20.13 -26.76
CA LEU D 275 -8.95 19.74 -25.36
C LEU D 275 -10.20 18.98 -24.91
N LEU D 276 -11.31 19.18 -25.62
CA LEU D 276 -12.57 18.45 -25.28
C LEU D 276 -13.43 18.30 -26.54
N ASP D 277 -13.76 17.08 -26.94
CA ASP D 277 -14.51 16.97 -28.22
C ASP D 277 -15.96 17.41 -28.01
N SER D 278 -16.66 17.78 -29.08
CA SER D 278 -18.03 18.31 -28.95
C SER D 278 -18.93 17.24 -28.33
N GLU D 279 -18.73 15.97 -28.71
CA GLU D 279 -19.53 14.86 -28.12
C GLU D 279 -19.38 14.89 -26.60
N LYS D 280 -18.15 15.08 -26.11
CA LYS D 280 -17.91 15.09 -24.64
C LYS D 280 -18.49 16.39 -24.07
N LYS D 281 -18.32 17.52 -24.76
CA LYS D 281 -18.94 18.76 -24.28
C LYS D 281 -20.45 18.62 -24.14
N ASN D 282 -21.12 18.05 -25.16
CA ASN D 282 -22.57 17.92 -25.15
C ASN D 282 -23.04 16.98 -24.05
N PHE D 283 -22.33 15.89 -23.82
CA PHE D 283 -22.66 14.98 -22.73
C PHE D 283 -22.65 15.72 -21.39
N ILE D 284 -21.59 16.50 -21.12
CA ILE D 284 -21.47 17.18 -19.83
C ILE D 284 -22.60 18.19 -19.64
N VAL D 285 -22.88 18.99 -20.67
CA VAL D 285 -23.95 19.99 -20.61
C VAL D 285 -25.29 19.31 -20.33
N ASP D 286 -25.59 18.24 -21.07
CA ASP D 286 -26.81 17.48 -20.82
C ASP D 286 -26.81 16.88 -19.42
N HIS D 287 -25.66 16.35 -18.98
CA HIS D 287 -25.54 15.73 -17.66
C HIS D 287 -25.91 16.70 -16.56
N ILE D 288 -25.35 17.91 -16.59
CA ILE D 288 -25.61 18.85 -15.50
C ILE D 288 -26.90 19.63 -15.69
N SER D 289 -27.49 19.58 -16.89
CA SER D 289 -28.75 20.27 -17.11
C SER D 289 -29.97 19.42 -16.75
N ASN D 290 -29.80 18.09 -16.65
CA ASN D 290 -30.92 17.21 -16.36
C ASN D 290 -30.53 16.27 -15.21
N GLN D 291 -30.64 16.77 -13.98
CA GLN D 291 -30.23 16.04 -12.79
C GLN D 291 -31.48 15.51 -12.11
N PHE D 292 -31.63 14.18 -12.07
CA PHE D 292 -32.85 13.56 -11.56
C PHE D 292 -32.53 12.65 -10.37
N VAL D 293 -33.35 12.74 -9.32
CA VAL D 293 -33.14 12.02 -8.08
C VAL D 293 -34.45 11.38 -7.62
N ALA D 294 -34.32 10.24 -6.94
CA ALA D 294 -35.44 9.59 -6.28
C ALA D 294 -35.52 10.03 -4.82
N PHE D 295 -36.76 10.23 -4.35
CA PHE D 295 -36.99 10.56 -2.92
C PHE D 295 -38.38 10.06 -2.54
N ARG D 296 -38.48 9.12 -1.61
N ARG D 296 -38.49 9.11 -1.63
CA ARG D 296 -39.81 8.63 -1.12
CA ARG D 296 -39.82 8.66 -1.13
C ARG D 296 -40.68 8.13 -2.27
C ARG D 296 -40.69 8.13 -2.29
N ARG D 297 -40.09 7.34 -3.18
CA ARG D 297 -40.88 6.69 -4.28
C ARG D 297 -41.39 7.68 -5.34
N LYS D 298 -40.86 8.91 -5.39
CA LYS D 298 -41.24 9.86 -6.46
C LYS D 298 -39.97 10.38 -7.11
N ILE D 299 -40.04 10.95 -8.31
CA ILE D 299 -38.81 11.34 -8.98
C ILE D 299 -38.79 12.85 -9.13
N TYR D 300 -37.66 13.48 -8.81
CA TYR D 300 -37.55 14.92 -8.79
C TYR D 300 -36.38 15.38 -9.65
N LYS D 301 -36.57 16.49 -10.35
CA LYS D 301 -35.46 17.19 -10.99
C LYS D 301 -34.83 18.11 -9.96
N TRP D 302 -33.52 18.02 -9.82
CA TRP D 302 -32.75 18.90 -8.94
C TRP D 302 -32.39 20.15 -9.73
N ASN D 303 -32.91 21.29 -9.30
CA ASN D 303 -32.80 22.55 -10.02
C ASN D 303 -32.04 23.62 -9.23
N HIS D 304 -30.93 23.26 -8.59
CA HIS D 304 -30.20 24.24 -7.76
C HIS D 304 -28.70 23.98 -7.88
N GLY D 305 -28.07 24.63 -8.85
CA GLY D 305 -26.64 24.40 -9.02
C GLY D 305 -26.32 22.94 -9.30
N LEU D 306 -25.14 22.52 -8.86
CA LEU D 306 -24.64 21.16 -9.11
C LEU D 306 -25.07 20.24 -8.00
N LEU D 307 -25.46 19.02 -8.37
CA LEU D 307 -25.76 18.00 -7.37
C LEU D 307 -24.51 17.63 -6.58
N GLN D 308 -24.62 17.67 -5.26
CA GLN D 308 -23.54 17.18 -4.41
C GLN D 308 -23.63 15.65 -4.33
N GLY D 309 -22.54 14.96 -4.67
CA GLY D 309 -22.56 13.51 -4.69
C GLY D 309 -22.52 12.92 -6.08
N ASP D 310 -22.64 13.74 -7.12
CA ASP D 310 -22.41 13.25 -8.48
C ASP D 310 -20.92 13.32 -8.78
N PRO D 311 -20.33 12.28 -9.35
CA PRO D 311 -18.87 12.26 -9.52
C PRO D 311 -18.33 13.41 -10.34
N LEU D 312 -19.07 13.92 -11.33
CA LEU D 312 -18.55 15.01 -12.15
C LEU D 312 -18.61 16.39 -11.47
N SER D 313 -19.41 16.56 -10.41
CA SER D 313 -19.57 17.90 -9.85
C SER D 313 -18.27 18.46 -9.28
N GLY D 314 -17.37 17.60 -8.83
CA GLY D 314 -16.14 18.08 -8.24
C GLY D 314 -15.26 18.87 -9.18
N CYS D 315 -14.90 18.28 -10.31
CA CYS D 315 -14.05 18.99 -11.26
C CYS D 315 -14.80 20.15 -11.92
N LEU D 316 -16.12 20.05 -12.08
CA LEU D 316 -16.87 21.12 -12.74
C LEU D 316 -16.98 22.33 -11.84
N CYS D 317 -17.15 22.12 -10.54
CA CYS D 317 -17.13 23.25 -9.62
C CYS D 317 -15.75 23.93 -9.64
N GLU D 318 -14.69 23.12 -9.71
CA GLU D 318 -13.33 23.66 -9.82
C GLU D 318 -13.17 24.45 -11.11
N LEU D 319 -13.70 23.94 -12.23
CA LEU D 319 -13.68 24.71 -13.47
C LEU D 319 -14.37 26.07 -13.31
N TYR D 320 -15.55 26.07 -12.68
CA TYR D 320 -16.29 27.30 -12.47
C TYR D 320 -15.54 28.27 -11.57
N MET D 321 -15.00 27.78 -10.44
CA MET D 321 -14.27 28.67 -9.54
C MET D 321 -13.02 29.21 -10.20
N ALA D 322 -12.34 28.40 -11.01
CA ALA D 322 -11.15 28.90 -11.68
C ALA D 322 -11.52 30.02 -12.62
N PHE D 323 -12.66 29.88 -13.28
CA PHE D 323 -13.16 30.93 -14.15
C PHE D 323 -13.46 32.19 -13.34
N MET D 324 -14.19 32.03 -12.24
CA MET D 324 -14.52 33.15 -11.37
C MET D 324 -13.25 33.86 -10.91
N ASP D 325 -12.22 33.07 -10.54
CA ASP D 325 -10.95 33.63 -10.11
C ASP D 325 -10.30 34.43 -11.22
N ARG D 326 -10.37 33.94 -12.46
CA ARG D 326 -9.76 34.65 -13.58
C ARG D 326 -10.45 35.98 -13.82
N LEU D 327 -11.79 36.00 -13.70
CA LEU D 327 -12.55 37.22 -13.98
C LEU D 327 -12.36 38.25 -12.89
N TYR D 328 -12.45 37.81 -11.62
CA TYR D 328 -12.65 38.74 -10.51
C TYR D 328 -11.49 38.79 -9.52
N PHE D 329 -10.62 37.78 -9.48
CA PHE D 329 -9.64 37.68 -8.41
C PHE D 329 -8.22 37.50 -8.93
N SER D 330 -7.93 38.10 -10.08
CA SER D 330 -6.55 38.09 -10.61
C SER D 330 -6.08 39.55 -10.57
N ASN D 331 -4.79 39.80 -10.81
CA ASN D 331 -4.25 41.18 -10.85
C ASN D 331 -4.30 41.86 -9.47
N LEU D 332 -4.40 41.10 -8.38
CA LEU D 332 -4.29 41.67 -7.04
C LEU D 332 -2.88 42.21 -6.78
N ASP D 333 -2.77 43.02 -5.73
CA ASP D 333 -1.52 43.72 -5.46
C ASP D 333 -0.42 42.71 -5.17
N LYS D 334 0.79 43.04 -5.62
CA LYS D 334 1.92 42.12 -5.50
C LYS D 334 2.30 41.88 -4.04
N ASP D 335 1.92 42.80 -3.15
CA ASP D 335 2.11 42.68 -1.71
C ASP D 335 1.29 41.57 -1.07
N ALA D 336 0.26 41.06 -1.73
CA ALA D 336 -0.76 40.28 -1.05
C ALA D 336 -0.54 38.79 -1.22
N PHE D 337 -1.25 38.04 -0.39
CA PHE D 337 -1.34 36.59 -0.40
C PHE D 337 -2.79 36.23 -0.69
N ILE D 338 -3.00 35.26 -1.56
CA ILE D 338 -4.33 34.69 -1.77
C ILE D 338 -4.19 33.20 -2.04
N HIS D 339 -5.13 32.43 -1.50
CA HIS D 339 -5.17 30.97 -1.76
C HIS D 339 -6.62 30.49 -1.71
N ARG D 340 -7.01 29.60 -2.61
CA ARG D 340 -8.38 29.06 -2.65
C ARG D 340 -8.40 27.54 -2.56
N THR D 341 -9.23 27.01 -1.68
CA THR D 341 -9.47 25.55 -1.60
C THR D 341 -10.96 25.37 -1.83
N VAL D 342 -11.34 24.91 -3.02
CA VAL D 342 -12.78 24.75 -3.40
C VAL D 342 -13.51 26.10 -3.26
N ASP D 343 -14.34 26.26 -2.24
CA ASP D 343 -15.15 27.49 -2.04
C ASP D 343 -14.60 28.36 -0.92
N ASP D 344 -13.39 28.10 -0.46
CA ASP D 344 -12.84 28.85 0.66
C ASP D 344 -11.63 29.68 0.25
N TYR D 345 -11.65 30.95 0.63
CA TYR D 345 -10.57 31.87 0.30
C TYR D 345 -9.82 32.33 1.54
N PHE D 346 -8.50 32.45 1.40
CA PHE D 346 -7.64 32.98 2.44
C PHE D 346 -6.85 34.11 1.80
N PHE D 347 -7.04 35.35 2.27
CA PHE D 347 -6.38 36.51 1.71
C PHE D 347 -5.66 37.28 2.82
N CYS D 348 -4.40 37.65 2.58
CA CYS D 348 -3.64 38.43 3.54
C CYS D 348 -2.87 39.53 2.83
N SER D 349 -2.56 40.58 3.60
CA SER D 349 -1.81 41.71 3.12
C SER D 349 -1.28 42.46 4.34
N PRO D 350 -0.12 43.13 4.22
CA PRO D 350 0.28 44.08 5.28
C PRO D 350 -0.58 45.33 5.34
N HIS D 351 -1.50 45.55 4.40
CA HIS D 351 -2.34 46.75 4.35
C HIS D 351 -3.76 46.38 4.75
N PRO D 352 -4.23 46.78 5.94
CA PRO D 352 -5.58 46.36 6.38
C PRO D 352 -6.69 46.74 5.40
N HIS D 353 -6.61 47.93 4.78
N HIS D 353 -6.54 47.94 4.86
CA HIS D 353 -7.64 48.39 3.86
CA HIS D 353 -7.58 48.40 3.93
C HIS D 353 -7.71 47.55 2.58
C HIS D 353 -7.64 47.56 2.66
N LYS D 354 -6.63 46.85 2.23
CA LYS D 354 -6.67 45.91 1.11
C LYS D 354 -7.38 44.62 1.48
N VAL D 355 -7.20 44.17 2.73
CA VAL D 355 -7.98 43.02 3.19
C VAL D 355 -9.45 43.38 3.20
N TYR D 356 -9.74 44.57 3.73
CA TYR D 356 -11.11 45.07 3.75
C TYR D 356 -11.69 45.18 2.34
N ASP D 357 -10.92 45.74 1.40
CA ASP D 357 -11.38 45.80 0.02
C ASP D 357 -11.64 44.41 -0.54
N PHE D 358 -10.78 43.45 -0.22
CA PHE D 358 -10.97 42.09 -0.70
C PHE D 358 -12.29 41.50 -0.18
N GLU D 359 -12.59 41.72 1.10
CA GLU D 359 -13.85 41.21 1.63
C GLU D 359 -15.05 41.79 0.87
N LEU D 360 -15.02 43.11 0.60
CA LEU D 360 -16.13 43.75 -0.10
C LEU D 360 -16.28 43.19 -1.50
N LEU D 361 -15.17 42.92 -2.19
CA LEU D 361 -15.22 42.34 -3.52
C LEU D 361 -15.81 40.93 -3.50
N ILE D 362 -15.37 40.09 -2.54
N ILE D 362 -15.41 40.11 -2.52
CA ILE D 362 -15.92 38.74 -2.44
CA ILE D 362 -15.88 38.74 -2.42
C ILE D 362 -17.41 38.79 -2.14
C ILE D 362 -17.36 38.69 -2.02
N LYS D 363 -17.80 39.61 -1.16
CA LYS D 363 -19.22 39.67 -0.82
C LYS D 363 -20.08 40.20 -1.96
N GLY D 364 -19.47 40.94 -2.90
CA GLY D 364 -20.22 41.35 -4.08
C GLY D 364 -20.35 40.27 -5.12
N VAL D 365 -19.37 39.37 -5.19
CA VAL D 365 -19.35 38.36 -6.24
C VAL D 365 -20.06 37.09 -5.82
N TYR D 366 -19.93 36.70 -4.54
CA TYR D 366 -20.53 35.48 -3.99
C TYR D 366 -21.44 35.84 -2.83
N GLN D 367 -22.34 34.92 -2.50
CA GLN D 367 -22.99 34.97 -1.19
C GLN D 367 -22.12 34.19 -0.20
N VAL D 368 -21.64 34.87 0.79
CA VAL D 368 -20.71 34.36 1.78
C VAL D 368 -21.47 33.77 2.96
N ASN D 369 -20.91 32.74 3.55
CA ASN D 369 -21.39 32.12 4.77
C ASN D 369 -20.77 32.85 5.95
N PRO D 370 -21.50 33.73 6.64
CA PRO D 370 -20.85 34.63 7.61
C PRO D 370 -20.46 33.95 8.91
N THR D 371 -20.97 32.76 9.20
CA THR D 371 -20.55 32.05 10.40
C THR D 371 -19.14 31.52 10.25
N LYS D 372 -18.64 31.38 9.02
CA LYS D 372 -17.32 30.83 8.76
C LYS D 372 -16.23 31.87 8.52
N THR D 373 -16.56 33.16 8.44
CA THR D 373 -15.57 34.21 8.25
C THR D 373 -14.68 34.32 9.48
N ARG D 374 -13.38 34.46 9.26
CA ARG D 374 -12.41 34.70 10.33
C ARG D 374 -11.44 35.77 9.88
N THR D 375 -11.12 36.72 10.76
CA THR D 375 -10.22 37.80 10.36
C THR D 375 -9.59 38.42 11.61
N ASN D 376 -8.47 39.12 11.42
CA ASN D 376 -7.95 39.97 12.47
C ASN D 376 -8.14 41.46 12.15
N LEU D 377 -9.03 41.79 11.22
CA LEU D 377 -9.34 43.20 10.95
C LEU D 377 -9.89 43.88 12.17
N PRO D 378 -9.28 44.98 12.62
CA PRO D 378 -9.79 45.69 13.81
C PRO D 378 -11.20 46.20 13.63
N THR D 379 -11.60 46.47 12.38
CA THR D 379 -12.94 46.98 12.12
C THR D 379 -13.99 45.95 12.46
N HIS D 380 -13.58 44.68 12.33
CA HIS D 380 -14.52 43.55 12.53
C HIS D 380 -14.96 43.45 13.97
N ARG D 381 -15.94 42.58 14.22
CA ARG D 381 -16.52 42.53 15.55
C ARG D 381 -15.69 41.69 16.52
N HIS D 382 -15.33 40.46 16.12
CA HIS D 382 -14.52 39.58 16.97
C HIS D 382 -13.23 39.19 16.24
N PRO D 383 -12.27 40.11 16.14
CA PRO D 383 -11.03 39.80 15.44
C PRO D 383 -10.18 38.78 16.22
N GLN D 384 -9.44 37.98 15.49
CA GLN D 384 -8.55 37.00 16.11
C GLN D 384 -7.31 36.86 15.24
N ASP D 385 -6.18 36.58 15.88
CA ASP D 385 -4.94 36.40 15.11
C ASP D 385 -4.82 35.02 14.47
N GLU D 386 -5.54 34.02 14.96
CA GLU D 386 -5.39 32.64 14.49
C GLU D 386 -6.47 32.34 13.46
N ILE D 387 -6.07 32.10 12.22
CA ILE D 387 -6.99 31.88 11.11
C ILE D 387 -6.97 30.39 10.76
N PRO D 388 -8.09 29.67 10.91
CA PRO D 388 -8.13 28.26 10.44
C PRO D 388 -8.37 28.20 8.94
N TYR D 389 -7.53 27.41 8.26
CA TYR D 389 -7.67 27.24 6.80
C TYR D 389 -7.04 25.91 6.39
N CYS D 390 -7.76 25.10 5.61
CA CYS D 390 -7.22 23.82 5.09
C CYS D 390 -6.65 22.95 6.22
N GLY D 391 -7.31 22.91 7.39
CA GLY D 391 -6.84 22.01 8.42
C GLY D 391 -5.64 22.49 9.20
N LYS D 392 -5.20 23.74 8.99
CA LYS D 392 -4.09 24.32 9.73
C LYS D 392 -4.57 25.62 10.37
N ILE D 393 -3.83 26.08 11.37
CA ILE D 393 -4.12 27.36 12.02
C ILE D 393 -2.94 28.28 11.73
N PHE D 394 -3.21 29.35 11.01
CA PHE D 394 -2.23 30.36 10.61
C PHE D 394 -2.34 31.52 11.59
N ASN D 395 -1.27 31.76 12.36
CA ASN D 395 -1.22 32.91 13.26
C ASN D 395 -0.63 34.08 12.50
N LEU D 396 -1.46 35.10 12.20
CA LEU D 396 -1.01 36.20 11.35
C LEU D 396 0.07 37.05 12.03
N THR D 397 0.08 37.12 13.36
CA THR D 397 1.08 37.91 14.05
C THR D 397 2.44 37.19 14.16
N THR D 398 2.44 35.91 14.59
CA THR D 398 3.72 35.24 14.76
C THR D 398 4.16 34.47 13.52
N ARG D 399 3.29 34.37 12.53
CA ARG D 399 3.48 33.65 11.25
C ARG D 399 3.58 32.15 11.44
N GLN D 400 3.32 31.63 12.63
CA GLN D 400 3.46 30.22 12.92
C GLN D 400 2.24 29.44 12.42
N VAL D 401 2.49 28.21 11.96
CA VAL D 401 1.42 27.36 11.45
C VAL D 401 1.32 26.12 12.32
N ARG D 402 0.12 25.88 12.84
CA ARG D 402 -0.10 24.72 13.75
C ARG D 402 -1.25 23.87 13.18
N THR D 403 -1.28 22.58 13.52
CA THR D 403 -2.35 21.70 13.02
C THR D 403 -3.68 22.03 13.69
N LEU D 404 -4.75 22.04 12.89
CA LEU D 404 -6.10 22.17 13.46
C LEU D 404 -6.69 20.78 13.73
N TYR D 405 -7.21 20.57 14.94
CA TYR D 405 -7.83 19.30 15.32
C TYR D 405 -9.33 19.53 15.58
N LYS D 406 -10.18 18.72 14.96
CA LYS D 406 -11.63 18.90 15.07
C LYS D 406 -12.14 18.06 16.23
N LEU D 407 -12.29 18.70 17.39
CA LEU D 407 -12.67 17.99 18.62
C LEU D 407 -13.76 18.79 19.30
N PRO D 408 -14.99 18.68 18.83
CA PRO D 408 -16.12 19.37 19.46
C PRO D 408 -16.25 18.95 20.91
N PRO D 409 -17.05 19.67 21.70
CA PRO D 409 -17.32 19.21 23.06
C PRO D 409 -18.10 17.90 23.05
N ASN D 410 -17.83 17.06 24.06
CA ASN D 410 -18.45 15.74 24.19
C ASN D 410 -18.20 14.85 22.98
N TYR D 411 -17.05 14.99 22.33
CA TYR D 411 -16.69 14.08 21.25
C TYR D 411 -15.89 12.92 21.82
N GLU D 412 -16.36 11.71 21.54
CA GLU D 412 -15.63 10.49 21.92
C GLU D 412 -14.54 10.29 20.89
N ILE D 413 -13.29 10.53 21.30
CA ILE D 413 -12.18 10.54 20.35
C ILE D 413 -11.94 9.18 19.72
N ARG D 414 -12.40 8.10 20.36
CA ARG D 414 -12.28 6.79 19.74
C ARG D 414 -12.96 6.73 18.38
N HIS D 415 -13.94 7.60 18.10
CA HIS D 415 -14.56 7.61 16.76
C HIS D 415 -13.60 8.05 15.66
N LYS D 416 -12.44 8.62 15.98
CA LYS D 416 -11.50 9.02 14.93
C LYS D 416 -10.79 7.83 14.31
N PHE D 417 -10.71 6.72 15.02
CA PHE D 417 -9.74 5.68 14.70
C PHE D 417 -10.43 4.42 14.21
N LYS D 418 -9.89 3.84 13.14
CA LYS D 418 -10.42 2.56 12.62
C LYS D 418 -9.52 1.42 13.11
N LEU D 419 -9.90 0.81 14.23
CA LEU D 419 -9.09 -0.25 14.83
C LEU D 419 -9.35 -1.62 14.24
N TRP D 420 -10.48 -1.79 13.53
CA TRP D 420 -10.91 -3.08 13.02
C TRP D 420 -11.11 -2.98 11.52
N ASN D 421 -10.55 -3.94 10.80
CA ASN D 421 -10.68 -4.03 9.36
C ASN D 421 -11.16 -5.45 9.05
N PHE D 422 -12.37 -5.57 8.53
CA PHE D 422 -12.94 -6.88 8.31
C PHE D 422 -12.16 -7.69 7.27
N ASN D 423 -11.36 -7.05 6.43
CA ASN D 423 -10.58 -7.78 5.44
C ASN D 423 -9.22 -8.24 5.94
N ASN D 424 -8.75 -7.73 7.08
CA ASN D 424 -7.46 -8.13 7.70
C ASN D 424 -7.75 -8.36 9.18
N GLN D 425 -8.26 -9.54 9.48
CA GLN D 425 -8.70 -9.84 10.82
C GLN D 425 -7.57 -10.46 11.63
N ILE D 426 -7.57 -10.17 12.91
CA ILE D 426 -6.50 -10.56 13.81
C ILE D 426 -7.09 -11.45 14.90
N SER D 427 -6.47 -12.60 15.12
CA SER D 427 -6.95 -13.54 16.12
C SER D 427 -6.92 -12.95 17.52
N ASP D 428 -7.79 -13.48 18.39
CA ASP D 428 -7.85 -13.02 19.77
C ASP D 428 -6.61 -13.40 20.58
N ASP D 429 -5.76 -14.31 20.08
CA ASP D 429 -4.47 -14.57 20.72
C ASP D 429 -3.31 -13.85 20.04
N ASN D 430 -3.58 -12.81 19.26
CA ASN D 430 -2.50 -11.99 18.70
C ASN D 430 -2.69 -10.51 19.05
N PRO D 431 -2.85 -10.19 20.34
CA PRO D 431 -3.11 -8.79 20.71
C PRO D 431 -1.99 -7.83 20.33
N ALA D 432 -0.74 -8.30 20.31
CA ALA D 432 0.38 -7.45 19.96
C ALA D 432 0.24 -6.92 18.54
N ARG D 433 -0.14 -7.77 17.59
N ARG D 433 -0.14 -7.77 17.59
CA ARG D 433 -0.29 -7.35 16.21
CA ARG D 433 -0.29 -7.35 16.21
C ARG D 433 -1.40 -6.30 16.08
C ARG D 433 -1.39 -6.29 16.09
N PHE D 434 -2.49 -6.46 16.84
CA PHE D 434 -3.55 -5.46 16.85
C PHE D 434 -3.01 -4.10 17.31
N LEU D 435 -2.25 -4.10 18.39
CA LEU D 435 -1.73 -2.83 18.93
C LEU D 435 -0.72 -2.22 17.98
N GLN D 436 0.12 -3.04 17.38
CA GLN D 436 1.08 -2.59 16.39
C GLN D 436 0.40 -1.94 15.19
N LYS D 437 -0.67 -2.57 14.65
CA LYS D 437 -1.37 -1.95 13.52
C LYS D 437 -1.97 -0.61 13.90
N ALA D 438 -2.51 -0.50 15.11
CA ALA D 438 -3.07 0.77 15.55
C ALA D 438 -2.01 1.87 15.56
N MET D 439 -0.74 1.50 15.72
CA MET D 439 0.33 2.48 15.83
C MET D 439 0.98 2.80 14.48
N ASP D 440 0.57 2.11 13.40
CA ASP D 440 1.07 2.45 12.06
C ASP D 440 0.80 3.94 11.79
N PHE D 441 1.68 4.54 11.02
CA PHE D 441 1.82 5.97 10.78
C PHE D 441 0.68 6.67 10.02
N PRO D 442 0.13 6.07 8.96
CA PRO D 442 -0.76 6.86 8.07
C PRO D 442 -1.88 7.63 8.76
N PHE D 443 -2.52 7.08 9.80
CA PHE D 443 -3.67 7.79 10.35
C PHE D 443 -3.30 9.19 10.84
N ILE D 444 -2.06 9.41 11.26
CA ILE D 444 -1.63 10.68 11.83
C ILE D 444 -0.77 11.48 10.85
N CYS D 445 -0.65 11.01 9.60
CA CYS D 445 0.30 11.60 8.66
C CYS D 445 -0.04 13.05 8.25
N ASN D 446 -1.27 13.50 8.45
CA ASN D 446 -1.57 14.88 8.08
C ASN D 446 -1.06 15.88 9.12
N SER D 447 -0.59 15.37 10.26
CA SER D 447 0.10 16.17 11.28
C SER D 447 1.61 16.08 11.14
N PHE D 448 2.10 15.39 10.12
CA PHE D 448 3.53 15.21 9.92
C PHE D 448 3.98 15.74 8.56
N THR D 449 3.54 16.93 8.18
CA THR D 449 3.85 17.54 6.89
C THR D 449 4.84 18.70 7.09
N LYS D 450 5.25 19.26 5.95
CA LYS D 450 6.15 20.41 5.97
C LYS D 450 5.50 21.60 6.70
N PHE D 451 4.17 21.66 6.76
CA PHE D 451 3.54 22.73 7.52
C PHE D 451 3.91 22.65 8.99
N GLU D 452 3.97 21.45 9.55
CA GLU D 452 4.23 21.28 10.98
C GLU D 452 5.71 21.35 11.35
N PHE D 453 6.60 20.87 10.49
CA PHE D 453 7.97 20.60 10.90
C PHE D 453 9.02 21.45 10.20
N ASN D 454 8.57 22.40 9.37
CA ASN D 454 9.54 23.25 8.65
C ASN D 454 10.11 24.32 9.58
N THR D 455 11.40 24.62 9.47
CA THR D 455 11.95 25.75 10.22
C THR D 455 12.23 26.89 9.25
N VAL D 456 11.37 27.06 8.25
CA VAL D 456 11.48 28.18 7.32
C VAL D 456 10.73 29.37 7.93
N PHE D 457 9.42 29.22 8.15
CA PHE D 457 8.66 30.23 8.89
C PHE D 457 8.29 29.80 10.30
N ASN D 458 8.21 28.50 10.59
CA ASN D 458 7.94 28.02 11.94
C ASN D 458 9.22 28.06 12.79
N ASP D 459 9.08 28.48 14.05
CA ASP D 459 10.12 28.38 15.09
C ASP D 459 10.20 26.96 15.65
N GLN D 460 11.32 26.66 16.35
CA GLN D 460 11.42 25.36 17.02
C GLN D 460 10.29 25.18 18.02
N ARG D 461 9.86 26.26 18.67
CA ARG D 461 8.74 26.16 19.59
C ARG D 461 7.49 25.59 18.93
N THR D 462 7.16 26.08 17.73
N THR D 462 7.11 26.08 17.75
CA THR D 462 5.91 25.63 17.05
CA THR D 462 5.85 25.51 17.18
C THR D 462 6.07 24.19 16.58
C THR D 462 6.11 24.07 16.73
N VAL D 463 7.26 23.83 16.09
CA VAL D 463 7.58 22.48 15.65
C VAL D 463 7.41 21.49 16.79
N PHE D 464 8.01 21.80 17.96
CA PHE D 464 7.88 20.93 19.12
C PHE D 464 6.42 20.79 19.54
N ALA D 465 5.68 21.92 19.54
CA ALA D 465 4.25 21.89 19.88
C ALA D 465 3.45 21.04 18.90
N ASN D 466 3.72 21.17 17.60
CA ASN D 466 3.00 20.36 16.62
C ASN D 466 3.26 18.88 16.84
N PHE D 467 4.52 18.54 17.12
CA PHE D 467 4.85 17.13 17.36
C PHE D 467 4.17 16.62 18.62
N TYR D 468 4.19 17.41 19.69
CA TYR D 468 3.54 17.01 20.92
C TYR D 468 2.05 16.78 20.70
N ASP D 469 1.36 17.75 20.07
CA ASP D 469 -0.07 17.59 19.78
C ASP D 469 -0.33 16.33 18.95
N ALA D 470 0.50 16.08 17.95
CA ALA D 470 0.32 14.88 17.15
C ALA D 470 0.52 13.62 17.99
N MET D 471 1.53 13.58 18.87
CA MET D 471 1.69 12.39 19.70
C MET D 471 0.60 12.27 20.75
N ILE D 472 -0.05 13.37 21.16
CA ILE D 472 -1.23 13.23 21.99
C ILE D 472 -2.28 12.39 21.26
N CYS D 473 -2.52 12.71 19.98
N CYS D 473 -2.55 12.73 19.99
CA CYS D 473 -3.49 11.97 19.18
CA CYS D 473 -3.48 11.94 19.19
C CYS D 473 -3.08 10.51 18.99
C CYS D 473 -3.05 10.49 19.14
N VAL D 474 -1.78 10.25 18.81
CA VAL D 474 -1.28 8.88 18.77
C VAL D 474 -1.57 8.17 20.08
N ALA D 475 -1.34 8.86 21.20
CA ALA D 475 -1.56 8.25 22.51
C ALA D 475 -3.03 7.95 22.75
N TYR D 476 -3.93 8.81 22.28
CA TYR D 476 -5.35 8.54 22.39
C TYR D 476 -5.76 7.31 21.56
N LYS D 477 -5.14 7.13 20.39
CA LYS D 477 -5.41 5.91 19.65
C LYS D 477 -4.87 4.69 20.42
N PHE D 478 -3.71 4.84 21.04
CA PHE D 478 -3.15 3.78 21.86
C PHE D 478 -4.14 3.37 22.96
N ASP D 479 -4.73 4.37 23.63
CA ASP D 479 -5.68 4.10 24.70
C ASP D 479 -6.92 3.42 24.14
N ALA D 480 -7.42 3.90 23.00
CA ALA D 480 -8.60 3.25 22.41
C ALA D 480 -8.30 1.80 22.05
N ALA D 481 -7.09 1.54 21.56
CA ALA D 481 -6.70 0.17 21.24
C ALA D 481 -6.58 -0.68 22.50
N MET D 482 -6.09 -0.09 23.59
CA MET D 482 -6.01 -0.81 24.86
C MET D 482 -7.38 -1.22 25.38
N MET D 483 -8.37 -0.34 25.26
CA MET D 483 -9.72 -0.72 25.67
C MET D 483 -10.24 -1.88 24.83
N ALA D 484 -9.92 -1.89 23.54
CA ALA D 484 -10.30 -3.03 22.69
C ALA D 484 -9.58 -4.30 23.13
N LEU D 485 -8.30 -4.19 23.46
CA LEU D 485 -7.55 -5.35 23.97
C LEU D 485 -8.19 -5.88 25.23
N ARG D 486 -8.65 -4.99 26.10
CA ARG D 486 -9.20 -5.44 27.38
C ARG D 486 -10.58 -6.05 27.22
N THR D 487 -11.40 -5.52 26.31
CA THR D 487 -12.78 -5.98 26.20
C THR D 487 -13.01 -7.02 25.10
N SER D 488 -12.19 -7.08 24.06
CA SER D 488 -12.40 -8.04 22.99
C SER D 488 -11.36 -9.14 22.95
N PHE D 489 -10.07 -8.81 23.02
CA PHE D 489 -9.04 -9.84 23.13
C PHE D 489 -9.02 -10.50 24.51
N LEU D 490 -9.61 -9.84 25.51
CA LEU D 490 -9.61 -10.31 26.89
C LEU D 490 -8.20 -10.61 27.37
N VAL D 491 -7.28 -9.71 27.07
CA VAL D 491 -5.87 -9.90 27.41
C VAL D 491 -5.72 -9.97 28.92
N ASN D 492 -5.02 -11.00 29.40
CA ASN D 492 -4.74 -11.10 30.82
C ASN D 492 -3.38 -10.50 31.17
N ASP D 493 -2.30 -10.97 30.53
CA ASP D 493 -0.97 -10.45 30.80
C ASP D 493 -0.53 -9.55 29.65
N PHE D 494 -0.11 -8.33 30.00
CA PHE D 494 0.21 -7.28 29.04
C PHE D 494 1.71 -7.06 28.91
N GLY D 495 2.51 -8.13 29.04
CA GLY D 495 3.95 -7.99 28.94
C GLY D 495 4.40 -7.36 27.62
N PHE D 496 3.73 -7.73 26.52
CA PHE D 496 4.11 -7.26 25.19
C PHE D 496 3.90 -5.77 24.99
N ILE D 497 3.11 -5.12 25.85
CA ILE D 497 2.75 -3.73 25.66
C ILE D 497 3.98 -2.82 25.69
N TRP D 498 4.90 -3.07 26.61
CA TRP D 498 6.05 -2.18 26.78
C TRP D 498 6.90 -2.11 25.51
N LEU D 499 7.11 -3.26 24.87
CA LEU D 499 7.94 -3.31 23.64
C LEU D 499 7.26 -2.47 22.55
N VAL D 500 5.96 -2.67 22.35
CA VAL D 500 5.27 -1.94 21.28
C VAL D 500 5.34 -0.45 21.56
N LEU D 501 5.05 -0.06 22.81
CA LEU D 501 5.03 1.36 23.16
C LEU D 501 6.42 1.98 23.03
N SER D 502 7.44 1.25 23.47
N SER D 502 7.51 1.26 23.54
CA SER D 502 8.83 1.72 23.36
CA SER D 502 8.89 1.73 23.44
C SER D 502 9.26 1.91 21.91
C SER D 502 9.32 1.92 21.99
N SER D 503 8.94 0.93 21.05
CA SER D 503 9.29 1.04 19.63
C SER D 503 8.54 2.15 18.94
N THR D 504 7.27 2.34 19.26
CA THR D 504 6.52 3.38 18.58
C THR D 504 6.97 4.77 19.01
N VAL D 505 7.30 4.95 20.30
CA VAL D 505 7.83 6.25 20.73
C VAL D 505 9.09 6.56 19.94
N ARG D 506 10.00 5.60 19.87
CA ARG D 506 11.22 5.82 19.09
C ARG D 506 10.91 6.06 17.63
N ALA D 507 9.97 5.29 17.06
CA ALA D 507 9.70 5.42 15.63
C ALA D 507 9.09 6.79 15.30
N TYR D 508 8.16 7.27 16.13
CA TYR D 508 7.58 8.58 15.82
C TYR D 508 8.59 9.70 16.01
N ALA D 509 9.39 9.64 17.08
CA ALA D 509 10.45 10.63 17.24
C ALA D 509 11.37 10.60 16.03
N SER D 510 11.63 9.40 15.53
CA SER D 510 12.49 9.23 14.38
C SER D 510 11.85 9.82 13.12
N ARG D 511 10.53 9.66 12.94
CA ARG D 511 9.84 10.26 11.80
C ARG D 511 9.89 11.77 11.86
N ALA D 512 9.60 12.33 13.04
CA ALA D 512 9.63 13.78 13.20
C ALA D 512 11.01 14.32 12.91
N PHE D 513 12.04 13.66 13.42
CA PHE D 513 13.41 14.11 13.20
C PHE D 513 13.73 14.19 11.72
N LYS D 514 13.33 13.17 10.96
CA LYS D 514 13.56 13.15 9.51
C LYS D 514 12.80 14.26 8.81
N LYS D 515 11.54 14.54 9.19
CA LYS D 515 10.85 15.67 8.59
C LYS D 515 11.58 16.97 8.88
N ILE D 516 12.05 17.15 10.11
CA ILE D 516 12.72 18.39 10.49
C ILE D 516 13.98 18.61 9.66
N VAL D 517 14.76 17.55 9.44
CA VAL D 517 15.93 17.68 8.60
C VAL D 517 15.53 18.01 7.16
N THR D 518 14.45 17.38 6.66
CA THR D 518 14.07 17.60 5.28
C THR D 518 13.61 19.05 5.04
N TYR D 519 12.89 19.63 5.99
CA TYR D 519 12.31 20.95 5.80
C TYR D 519 13.02 22.03 6.62
N LYS D 520 14.30 21.80 6.89
CA LYS D 520 15.11 22.74 7.66
C LYS D 520 15.22 24.09 6.97
N GLY D 521 15.16 25.15 7.77
CA GLY D 521 15.31 26.49 7.26
C GLY D 521 16.02 27.42 8.22
N GLY D 522 15.90 28.73 8.00
CA GLY D 522 16.73 29.69 8.72
C GLY D 522 16.48 29.75 10.21
N LYS D 523 15.35 29.27 10.68
CA LYS D 523 15.06 29.35 12.11
C LYS D 523 15.50 28.11 12.88
N TYR D 524 16.04 27.11 12.19
CA TYR D 524 16.54 25.92 12.86
C TYR D 524 17.74 26.29 13.73
N ARG D 525 17.73 25.82 14.98
CA ARG D 525 18.89 25.99 15.84
C ARG D 525 19.53 24.66 16.18
N LYS D 526 18.80 23.78 16.88
CA LYS D 526 19.25 22.43 17.13
C LYS D 526 18.09 21.63 17.69
N VAL D 527 17.74 20.54 17.01
CA VAL D 527 16.73 19.62 17.48
C VAL D 527 17.44 18.29 17.64
N THR D 528 17.37 17.73 18.83
CA THR D 528 18.03 16.46 19.09
C THR D 528 17.01 15.35 19.06
N PHE D 529 17.45 14.17 18.64
CA PHE D 529 16.60 13.00 18.72
C PHE D 529 16.09 12.80 20.15
N GLN D 530 16.97 13.00 21.13
CA GLN D 530 16.62 12.79 22.54
C GLN D 530 15.49 13.72 22.97
N CYS D 531 15.52 14.99 22.55
CA CYS D 531 14.44 15.90 22.93
C CYS D 531 13.11 15.45 22.34
N LEU D 532 13.11 15.01 21.08
CA LEU D 532 11.86 14.58 20.45
C LEU D 532 11.32 13.34 21.15
N LYS D 533 12.22 12.41 21.46
CA LYS D 533 11.81 11.17 22.18
C LYS D 533 11.17 11.55 23.51
N SER D 534 11.78 12.50 24.23
CA SER D 534 11.21 12.90 25.53
C SER D 534 9.83 13.54 25.36
N ILE D 535 9.68 14.40 24.36
CA ILE D 535 8.36 14.98 24.11
C ILE D 535 7.33 13.89 23.84
N ALA D 536 7.70 12.90 23.02
CA ALA D 536 6.77 11.84 22.69
C ALA D 536 6.32 11.07 23.94
N TRP D 537 7.27 10.73 24.83
CA TRP D 537 6.94 10.07 26.09
C TRP D 537 6.00 10.92 26.94
N ARG D 538 6.25 12.24 27.02
CA ARG D 538 5.39 13.10 27.83
C ARG D 538 3.97 13.16 27.28
N ALA D 539 3.82 13.10 25.95
CA ALA D 539 2.48 13.01 25.37
C ALA D 539 1.75 11.74 25.83
N PHE D 540 2.43 10.58 25.81
CA PHE D 540 1.78 9.37 26.32
C PHE D 540 1.42 9.52 27.79
N LEU D 541 2.31 10.10 28.59
CA LEU D 541 2.00 10.31 29.99
C LEU D 541 0.77 11.19 30.17
N ALA D 542 0.64 12.24 29.36
CA ALA D 542 -0.50 13.13 29.51
C ALA D 542 -1.82 12.38 29.29
N VAL D 543 -1.86 11.49 28.30
CA VAL D 543 -3.06 10.72 28.01
C VAL D 543 -3.25 9.58 29.00
N LEU D 544 -2.17 8.83 29.30
CA LEU D 544 -2.31 7.70 30.23
C LEU D 544 -2.76 8.16 31.60
N LYS D 545 -2.42 9.38 32.00
CA LYS D 545 -2.82 9.85 33.32
C LYS D 545 -4.32 10.03 33.44
N ARG D 546 -5.06 9.98 32.34
CA ARG D 546 -6.52 10.05 32.41
C ARG D 546 -7.14 8.77 32.97
N ARG D 547 -6.42 7.64 32.97
CA ARG D 547 -6.87 6.43 33.67
C ARG D 547 -5.74 5.96 34.56
N THR D 548 -5.60 6.56 35.73
CA THR D 548 -4.42 6.21 36.52
C THR D 548 -4.54 4.83 37.17
N GLU D 549 -5.74 4.38 37.49
CA GLU D 549 -5.85 2.98 37.91
C GLU D 549 -5.36 2.02 36.83
N ILE D 550 -5.86 2.20 35.62
CA ILE D 550 -5.65 1.20 34.60
C ILE D 550 -4.18 1.18 34.20
N TYR D 551 -3.55 2.36 34.14
CA TYR D 551 -2.19 2.52 33.64
C TYR D 551 -1.16 2.81 34.73
N LYS D 552 -1.49 2.55 36.00
CA LYS D 552 -0.58 2.94 37.08
C LYS D 552 0.81 2.36 36.88
N GLY D 553 0.89 1.05 36.61
CA GLY D 553 2.18 0.42 36.40
C GLY D 553 2.88 0.89 35.14
N LEU D 554 2.12 1.18 34.09
CA LEU D 554 2.70 1.69 32.86
C LEU D 554 3.29 3.09 33.05
N ILE D 555 2.55 3.96 33.72
CA ILE D 555 3.08 5.29 34.01
C ILE D 555 4.35 5.19 34.84
N ASP D 556 4.37 4.27 35.81
CA ASP D 556 5.53 4.18 36.70
C ASP D 556 6.76 3.64 35.97
N ARG D 557 6.58 2.66 35.08
CA ARG D 557 7.71 2.19 34.29
C ARG D 557 8.29 3.30 33.42
N ILE D 558 7.41 4.12 32.82
CA ILE D 558 7.87 5.17 31.91
C ILE D 558 8.78 6.16 32.64
N LYS D 559 8.34 6.67 33.77
CA LYS D 559 9.16 7.62 34.49
C LYS D 559 10.37 6.98 35.14
N SER D 560 10.31 5.68 35.41
CA SER D 560 11.46 5.04 36.01
C SER D 560 12.54 4.75 34.99
N ARG D 561 12.17 4.32 33.77
CA ARG D 561 13.15 3.88 32.80
C ARG D 561 13.50 4.92 31.75
N GLU D 562 12.67 5.94 31.54
CA GLU D 562 12.86 6.88 30.44
C GLU D 562 13.29 8.25 30.96
N LYS D 563 14.22 8.87 30.24
CA LYS D 563 14.57 10.25 30.55
C LYS D 563 13.56 11.17 29.89
N LEU D 564 13.03 12.08 30.70
CA LEU D 564 12.02 13.02 30.25
C LEU D 564 12.55 14.44 30.14
N THR D 565 13.85 14.65 30.35
CA THR D 565 14.39 16.00 30.24
C THR D 565 14.36 16.45 28.79
N MET D 566 14.10 17.74 28.61
CA MET D 566 13.90 18.31 27.28
C MET D 566 14.92 19.42 27.11
N LYS D 567 15.99 19.08 26.38
CA LYS D 567 17.05 20.07 26.08
C LYS D 567 16.66 20.72 24.75
N PHE D 568 15.77 21.70 24.80
CA PHE D 568 15.25 22.34 23.56
C PHE D 568 16.28 23.07 22.70
N HIS D 569 17.32 23.67 23.29
CA HIS D 569 18.29 24.49 22.50
C HIS D 569 17.58 25.69 21.87
N ASP D 570 16.52 26.19 22.53
CA ASP D 570 15.77 27.37 22.04
C ASP D 570 15.09 28.01 23.26
N GLY D 571 15.60 29.14 23.71
CA GLY D 571 15.05 29.77 24.91
C GLY D 571 13.61 30.27 24.79
N GLU D 572 13.04 30.32 23.58
CA GLU D 572 11.64 30.70 23.43
C GLU D 572 10.66 29.55 23.65
N VAL D 573 11.14 28.32 23.78
CA VAL D 573 10.25 27.18 24.05
C VAL D 573 9.85 27.19 25.52
N ASP D 574 8.56 27.00 25.78
CA ASP D 574 8.01 26.92 27.14
C ASP D 574 7.81 25.44 27.52
N ALA D 575 8.54 24.99 28.54
CA ALA D 575 8.52 23.58 28.94
C ALA D 575 7.15 23.14 29.44
N SER D 576 6.43 24.03 30.14
CA SER D 576 5.17 23.64 30.79
C SER D 576 4.10 23.19 29.81
N TYR D 577 4.21 23.54 28.53
CA TYR D 577 3.26 23.03 27.55
C TYR D 577 3.34 21.51 27.43
N PHE D 578 4.51 20.94 27.69
CA PHE D 578 4.74 19.52 27.48
C PHE D 578 4.49 18.69 28.73
N CYS D 579 3.97 19.31 29.79
CA CYS D 579 3.72 18.64 31.07
C CYS D 579 2.24 18.44 31.38
N LYS D 580 1.36 18.71 30.41
CA LYS D 580 -0.07 18.62 30.66
C LYS D 580 -0.77 18.42 29.32
N LEU D 581 -2.03 18.01 29.39
CA LEU D 581 -2.84 17.89 28.17
C LEU D 581 -3.17 19.27 27.61
N PRO D 582 -2.93 19.51 26.33
CA PRO D 582 -3.40 20.78 25.74
C PRO D 582 -4.91 20.90 25.87
N GLU D 583 -5.36 22.14 25.97
CA GLU D 583 -6.77 22.41 26.31
C GLU D 583 -7.72 21.74 25.33
N LYS D 584 -7.41 21.82 24.05
CA LYS D 584 -8.25 21.17 23.05
C LYS D 584 -8.44 19.67 23.33
N PHE D 585 -7.43 19.01 23.89
CA PHE D 585 -7.43 17.56 24.12
C PHE D 585 -7.85 17.18 25.51
N ARG D 586 -8.05 18.15 26.40
CA ARG D 586 -8.31 17.87 27.79
C ARG D 586 -9.72 17.39 28.02
N PHE D 587 -10.64 17.74 27.12
CA PHE D 587 -12.06 17.53 27.32
C PHE D 587 -12.66 16.43 26.45
N VAL D 588 -11.85 15.74 25.64
CA VAL D 588 -12.41 14.68 24.82
C VAL D 588 -12.93 13.59 25.73
N LYS D 589 -14.06 12.99 25.33
CA LYS D 589 -14.68 11.91 26.09
C LYS D 589 -13.94 10.62 25.79
N ILE D 590 -13.62 9.85 26.84
CA ILE D 590 -12.94 8.58 26.68
C ILE D 590 -13.71 7.42 27.28
N ASN D 591 -14.90 7.66 27.83
CA ASN D 591 -15.71 6.60 28.41
C ASN D 591 -16.88 6.30 27.50
N ARG D 592 -17.09 5.01 27.24
CA ARG D 592 -18.15 4.55 26.37
C ARG D 592 -19.34 4.16 27.23
N LYS D 593 -20.50 4.74 26.94
CA LYS D 593 -21.71 4.41 27.68
C LYS D 593 -22.94 4.63 26.80
N ALA D 594 -23.81 3.63 26.73
CA ALA D 594 -24.98 3.74 25.88
C ALA D 594 -25.92 4.79 26.43
N SER D 595 -26.46 5.61 25.54
CA SER D 595 -27.44 6.61 25.93
C SER D 595 -28.82 6.37 25.33
N ILE D 596 -28.97 5.38 24.46
CA ILE D 596 -30.24 5.15 23.77
C ILE D 596 -30.89 3.84 24.22
#